data_2R7R
#
_entry.id   2R7R
#
_cell.length_a   76.352
_cell.length_b   112.749
_cell.length_c   143.792
_cell.angle_alpha   90.000
_cell.angle_beta   90.000
_cell.angle_gamma   90.000
#
_symmetry.space_group_name_H-M   'P 21 21 21'
#
loop_
_entity.id
_entity.type
_entity.pdbx_description
1 polymer "RNA (5'-R(*UP*GP*UP*GP*AP*CP*C)-3')"
2 polymer 'RNA-dependent RNA polymerase'
#
loop_
_entity_poly.entity_id
_entity_poly.type
_entity_poly.pdbx_seq_one_letter_code
_entity_poly.pdbx_strand_id
1 'polyribonucleotide' UGUGACC X
2 'polypeptide(L)'
;MGKYNLILSEYLSFIYNSQSAVQIPIYYSSNSELENRCIEFHSKCLENSKNGLSLRKLFVEYNDVIENATLLSILSYSYD
KYNAVERKLVKYAKGKPLEADLTVNELDYENNKMTSELFPTAEEYTDSLMDPAILTSLSSNLNAVMFWLEKHENDVAEKL
KVYKRRLDLFTIVASTINKYGVPRHNAKYRYEYDVMKDKPYYLVTWANSSIEMLMSVFSHDDYLIAKELIVLSYSNRSTL
AKLVSSPMSILVALVDINGTFITNEELELEFSNKYVRAIVPDQTFDELNQMLDNMRKAGLVDIPKMIQDWLVDRSIEKFP
LMAKIYSWSFHVGFRKQKMLDAALDQLKTEYTENVDDEMYREYTMLIRDEVVKMLEEPVKHDDHLLRDSELAGLLSMSSA
SNGESRQLKFGRKTIFSTKKNMHVMDDMANERYTPGIIPPVNVDKPIPLGRRDVPGRRTRIIFILPYEYFIAQHAVVEKM
LIYAKHTREYAEFYSQSNQLLSYGDVTRFLSNNTMVLYTDVSQWDSSQHNTQPFRKGIIMGLDILANMTNDAKVLQTLNL
YKQTQINLMDSYVQIPDGNVIKKIQYGAVASGEKQTKAANSIANLALIKTVLSRISNKHSFATKIIRVDGDDNYAVLQFN
TEVTKQMIQDVSNDVRETYARMNAKVKALVSTVGIEIAKRYIAGGKIFFRAGINLLNNEKRGQSTQWDQAAILYSNYIVN
RLRGFETDREFILTKIMQMTSVAITGSLRLFPSERVLTTNSTFKVFDSEDFIIEYGTTVDEVYIQRAFMSLSSQKSGIAD
EIAASSTFKNYVTRLSEQLLFSKNNIVSRGIALTEKAKLNSYAPISLEKRRAQISALLTMLQKPVTFKSSKITINDILRD
IKPFFTVSDAHLPIQYQKFMPTLPDNVQYIIQCIGSRTYQIEDDGSKSAISRLISKYSVYKPSIEELYKVISLHENEIQL
YLISLGIPKIDADTYVGSKIYSRDKYRILESYVYNLLSINYGCYQLFDFNSPDLEKLIRIPFKGKIPAVTFILHLYAKLE
VINYAIKNGSWISLFCNYPKSEMIKLWKKMWNITSLRSPYTNANFFQEPHHHHHH
;
A
#
# COMPACT_ATOMS: atom_id res chain seq x y z
N GLY B 2 -2.64 -25.87 9.00
CA GLY B 2 -2.09 -26.06 10.37
C GLY B 2 -0.58 -26.23 10.44
N LYS B 3 0.07 -26.29 9.26
CA LYS B 3 1.51 -26.49 9.14
C LYS B 3 2.41 -25.42 9.74
N TYR B 4 1.86 -24.26 10.07
CA TYR B 4 2.65 -23.21 10.69
C TYR B 4 3.10 -23.67 12.07
N ASN B 5 2.18 -24.21 12.86
CA ASN B 5 2.50 -24.67 14.22
C ASN B 5 3.56 -25.77 14.29
N LEU B 6 3.80 -26.43 13.17
CA LEU B 6 4.80 -27.48 13.14
C LEU B 6 6.11 -26.85 12.72
N ILE B 7 6.09 -26.08 11.63
CA ILE B 7 7.27 -25.39 11.15
C ILE B 7 7.84 -24.53 12.29
N LEU B 8 6.98 -24.03 13.18
CA LEU B 8 7.44 -23.20 14.29
C LEU B 8 8.40 -23.97 15.21
N SER B 9 8.10 -25.22 15.50
CA SER B 9 8.96 -26.00 16.40
C SER B 9 10.27 -26.40 15.74
N GLU B 10 10.23 -26.82 14.48
CA GLU B 10 11.44 -27.20 13.76
C GLU B 10 12.41 -26.01 13.79
N TYR B 11 11.85 -24.81 13.77
CA TYR B 11 12.64 -23.60 13.80
C TYR B 11 13.31 -23.45 15.18
N LEU B 12 12.54 -23.38 16.25
CA LEU B 12 13.11 -23.25 17.59
C LEU B 12 14.05 -24.41 17.92
N SER B 13 13.71 -25.60 17.43
CA SER B 13 14.54 -26.77 17.69
C SER B 13 15.85 -26.63 16.91
N PHE B 14 15.84 -25.74 15.92
CA PHE B 14 16.99 -25.47 15.08
C PHE B 14 17.84 -24.36 15.69
N ILE B 15 17.17 -23.29 16.09
CA ILE B 15 17.84 -22.13 16.68
C ILE B 15 18.44 -22.41 18.05
N TYR B 16 17.67 -23.10 18.89
CA TYR B 16 18.10 -23.39 20.26
C TYR B 16 18.35 -24.87 20.53
N ASN B 17 19.54 -25.19 21.07
CA ASN B 17 19.93 -26.57 21.39
C ASN B 17 20.85 -26.64 22.63
N SER B 18 20.32 -27.16 23.73
CA SER B 18 21.09 -27.27 24.99
C SER B 18 20.30 -28.00 26.09
N VAL B 22 14.60 -25.81 25.72
CA VAL B 22 13.33 -26.53 25.81
C VAL B 22 12.10 -25.77 25.28
N GLN B 23 11.10 -26.52 24.83
CA GLN B 23 9.86 -25.95 24.30
C GLN B 23 8.68 -26.42 25.14
N ILE B 24 7.89 -25.47 25.64
CA ILE B 24 6.72 -25.78 26.47
C ILE B 24 5.38 -25.40 25.80
N PRO B 25 4.77 -26.33 25.02
CA PRO B 25 3.50 -26.05 24.34
C PRO B 25 2.44 -25.64 25.35
N ILE B 26 1.72 -24.57 25.07
CA ILE B 26 0.65 -24.11 25.98
C ILE B 26 -0.68 -24.18 25.25
N TYR B 27 -1.60 -25.00 25.76
CA TYR B 27 -2.91 -25.14 25.13
C TYR B 27 -4.02 -24.43 25.89
N TYR B 28 -5.21 -24.42 25.27
CA TYR B 28 -6.42 -23.80 25.84
C TYR B 28 -7.66 -24.43 25.22
N SER B 29 -8.79 -24.35 25.92
CA SER B 29 -10.04 -24.92 25.43
C SER B 29 -11.28 -24.18 25.91
N SER B 30 -12.28 -24.12 25.04
CA SER B 30 -13.53 -23.46 25.36
C SER B 30 -14.35 -24.33 26.30
N ASN B 31 -13.87 -25.55 26.52
CA ASN B 31 -14.56 -26.49 27.41
C ASN B 31 -13.87 -26.54 28.76
N SER B 32 -14.63 -26.30 29.82
CA SER B 32 -14.09 -26.29 31.18
C SER B 32 -13.16 -27.43 31.54
N GLU B 33 -13.70 -28.63 31.58
CA GLU B 33 -12.92 -29.80 31.93
C GLU B 33 -11.61 -29.89 31.15
N LEU B 34 -11.70 -29.76 29.83
CA LEU B 34 -10.53 -29.84 28.95
C LEU B 34 -9.51 -28.76 29.25
N GLU B 35 -9.98 -27.60 29.70
CA GLU B 35 -9.11 -26.47 30.04
C GLU B 35 -8.22 -26.74 31.25
N ASN B 36 -8.79 -27.37 32.28
CA ASN B 36 -8.04 -27.73 33.49
C ASN B 36 -7.02 -28.78 33.12
N ARG B 37 -7.33 -29.55 32.09
CA ARG B 37 -6.41 -30.56 31.62
C ARG B 37 -5.28 -29.82 30.92
N CYS B 38 -5.59 -28.65 30.36
CA CYS B 38 -4.59 -27.84 29.71
C CYS B 38 -3.77 -27.19 30.82
N ILE B 39 -4.45 -26.60 31.79
CA ILE B 39 -3.76 -25.97 32.91
C ILE B 39 -2.79 -26.95 33.56
N GLU B 40 -3.29 -28.13 33.91
CA GLU B 40 -2.46 -29.14 34.53
C GLU B 40 -1.23 -29.39 33.68
N PHE B 41 -1.43 -29.78 32.42
CA PHE B 41 -0.32 -30.09 31.49
C PHE B 41 0.81 -29.04 31.48
N HIS B 42 0.41 -27.78 31.40
CA HIS B 42 1.34 -26.66 31.41
C HIS B 42 2.21 -26.86 32.65
N SER B 43 1.60 -26.78 33.83
CA SER B 43 2.31 -26.96 35.09
C SER B 43 3.37 -28.06 34.99
N LYS B 44 2.90 -29.31 34.91
CA LYS B 44 3.78 -30.46 34.83
C LYS B 44 4.94 -30.28 33.84
N CYS B 45 4.73 -29.51 32.79
CA CYS B 45 5.78 -29.27 31.82
C CYS B 45 6.85 -28.34 32.38
N LEU B 46 6.41 -27.27 33.02
CA LEU B 46 7.35 -26.31 33.62
C LEU B 46 8.17 -27.07 34.66
N GLU B 47 7.44 -27.75 35.53
CA GLU B 47 8.05 -28.52 36.60
C GLU B 47 9.08 -29.51 36.06
N ASN B 48 8.68 -30.38 35.15
CA ASN B 48 9.61 -31.36 34.59
C ASN B 48 10.82 -30.69 33.96
N SER B 49 10.58 -29.57 33.26
CA SER B 49 11.69 -28.86 32.64
C SER B 49 12.61 -28.33 33.74
N LYS B 50 12.02 -27.83 34.83
CA LYS B 50 12.78 -27.33 35.97
C LYS B 50 13.38 -28.51 36.76
N ASN B 51 13.73 -29.58 36.05
CA ASN B 51 14.31 -30.77 36.66
C ASN B 51 14.94 -31.63 35.57
N GLY B 52 15.05 -31.05 34.38
CA GLY B 52 15.66 -31.76 33.27
C GLY B 52 15.12 -33.15 33.07
N LEU B 53 13.82 -33.31 33.23
CA LEU B 53 13.14 -34.60 33.05
C LEU B 53 12.47 -34.62 31.70
N SER B 54 12.33 -35.83 31.15
CA SER B 54 11.70 -36.02 29.84
C SER B 54 10.22 -35.66 29.86
N LEU B 55 9.78 -34.89 28.86
CA LEU B 55 8.37 -34.52 28.78
C LEU B 55 7.57 -35.56 28.02
N ARG B 56 8.27 -36.51 27.40
CA ARG B 56 7.65 -37.57 26.60
C ARG B 56 6.47 -38.27 27.27
N LYS B 57 6.53 -38.40 28.60
CA LYS B 57 5.45 -39.06 29.32
C LYS B 57 4.21 -38.19 29.45
N LEU B 58 4.40 -36.90 29.73
CA LEU B 58 3.26 -36.00 29.86
C LEU B 58 2.52 -35.87 28.54
N PHE B 59 3.27 -35.87 27.44
CA PHE B 59 2.70 -35.77 26.09
C PHE B 59 1.78 -36.95 25.77
N VAL B 60 1.98 -38.05 26.47
CA VAL B 60 1.16 -39.24 26.30
C VAL B 60 0.02 -39.15 27.31
N GLU B 61 0.36 -38.85 28.57
CA GLU B 61 -0.63 -38.72 29.64
C GLU B 61 -1.75 -37.74 29.28
N TYR B 62 -1.36 -36.63 28.67
CA TYR B 62 -2.29 -35.59 28.26
C TYR B 62 -2.51 -35.62 26.76
N ASN B 63 -2.42 -36.83 26.19
CA ASN B 63 -2.64 -37.03 24.77
C ASN B 63 -3.94 -36.34 24.38
N ASP B 64 -4.89 -36.30 25.31
CA ASP B 64 -6.18 -35.67 25.06
C ASP B 64 -6.02 -34.18 24.75
N VAL B 65 -5.20 -33.49 25.52
CA VAL B 65 -4.98 -32.07 25.31
C VAL B 65 -4.27 -31.83 23.98
N ILE B 66 -3.36 -32.72 23.61
CA ILE B 66 -2.63 -32.57 22.36
C ILE B 66 -3.54 -32.75 21.14
N GLU B 67 -4.58 -33.56 21.31
CA GLU B 67 -5.53 -33.88 20.25
C GLU B 67 -6.78 -32.97 20.13
N ASN B 68 -7.44 -32.67 21.24
CA ASN B 68 -8.66 -31.88 21.18
C ASN B 68 -8.55 -30.42 21.56
N ALA B 69 -7.58 -30.09 22.40
CA ALA B 69 -7.38 -28.70 22.80
C ALA B 69 -6.74 -27.90 21.68
N THR B 70 -6.77 -26.58 21.77
CA THR B 70 -6.20 -25.73 20.72
C THR B 70 -4.84 -25.16 21.13
N LEU B 71 -3.85 -25.25 20.25
CA LEU B 71 -2.52 -24.70 20.56
C LEU B 71 -2.60 -23.19 20.59
N LEU B 72 -2.28 -22.61 21.73
CA LEU B 72 -2.31 -21.17 21.90
C LEU B 72 -0.97 -20.51 21.63
N SER B 73 0.09 -21.04 22.24
CA SER B 73 1.42 -20.51 22.06
C SER B 73 2.44 -21.57 22.41
N ILE B 74 3.72 -21.21 22.34
CA ILE B 74 4.82 -22.12 22.67
C ILE B 74 5.88 -21.39 23.45
N LEU B 75 6.25 -21.94 24.61
CA LEU B 75 7.30 -21.34 25.44
C LEU B 75 8.68 -21.77 24.95
N SER B 76 9.62 -20.83 24.95
CA SER B 76 10.98 -21.09 24.50
C SER B 76 12.00 -20.69 25.55
N TYR B 77 12.49 -21.69 26.30
CA TYR B 77 13.51 -21.48 27.34
C TYR B 77 14.85 -21.78 26.71
N SER B 78 15.52 -20.74 26.23
CA SER B 78 16.81 -20.91 25.58
C SER B 78 17.92 -20.26 26.36
N TYR B 79 18.79 -21.08 26.93
CA TYR B 79 19.90 -20.53 27.68
C TYR B 79 21.21 -20.60 26.92
N ASP B 80 21.34 -19.64 26.01
CA ASP B 80 22.52 -19.46 25.17
C ASP B 80 22.74 -17.97 25.46
N LYS B 81 22.99 -17.18 24.43
CA LYS B 81 23.19 -15.75 24.58
C LYS B 81 23.08 -15.06 23.23
N TYR B 82 21.91 -15.22 22.62
CA TYR B 82 21.59 -14.67 21.29
C TYR B 82 22.75 -14.72 20.29
N ASN B 83 23.62 -15.71 20.48
CA ASN B 83 24.78 -15.94 19.61
C ASN B 83 24.34 -16.80 18.44
N ALA B 84 24.85 -18.03 18.40
CA ALA B 84 24.53 -19.00 17.36
C ALA B 84 24.77 -18.50 15.92
N VAL B 85 24.17 -17.36 15.57
CA VAL B 85 24.33 -16.77 14.24
C VAL B 85 25.79 -16.78 13.88
N GLU B 86 26.60 -16.29 14.81
CA GLU B 86 28.05 -16.21 14.64
C GLU B 86 28.54 -17.58 14.17
N ARG B 87 28.47 -18.55 15.07
CA ARG B 87 28.90 -19.91 14.81
C ARG B 87 28.32 -20.43 13.49
N LYS B 88 27.00 -20.63 13.47
CA LYS B 88 26.27 -21.15 12.31
C LYS B 88 26.74 -20.74 10.92
N LEU B 89 26.94 -19.45 10.72
CA LEU B 89 27.35 -18.92 9.42
C LEU B 89 28.64 -19.46 8.79
N VAL B 90 29.63 -19.79 9.61
CA VAL B 90 30.90 -20.30 9.08
C VAL B 90 30.75 -21.41 8.04
N LYS B 91 29.97 -22.43 8.38
CA LYS B 91 29.75 -23.56 7.48
C LYS B 91 29.48 -23.13 6.05
N TYR B 92 28.79 -22.01 5.88
CA TYR B 92 28.42 -21.52 4.54
C TYR B 92 29.38 -20.50 3.93
N ALA B 93 30.34 -20.04 4.74
CA ALA B 93 31.32 -19.06 4.29
C ALA B 93 32.60 -19.70 3.76
N LYS B 94 32.49 -20.45 2.68
CA LYS B 94 33.65 -21.10 2.11
C LYS B 94 34.10 -20.41 0.84
N GLY B 95 33.20 -19.64 0.23
CA GLY B 95 33.55 -18.93 -1.00
C GLY B 95 34.42 -17.73 -0.73
N LYS B 96 34.97 -17.16 -1.79
CA LYS B 96 35.84 -15.98 -1.65
C LYS B 96 34.97 -14.74 -1.48
N PRO B 97 35.22 -13.94 -0.42
CA PRO B 97 34.42 -12.73 -0.19
C PRO B 97 34.40 -11.87 -1.44
N LEU B 98 33.42 -10.97 -1.51
CA LEU B 98 33.32 -10.05 -2.63
C LEU B 98 34.11 -8.82 -2.28
N GLU B 99 34.68 -8.17 -3.29
CA GLU B 99 35.46 -6.96 -3.06
C GLU B 99 34.80 -5.82 -3.79
N ALA B 100 34.35 -4.85 -3.02
CA ALA B 100 33.68 -3.68 -3.56
C ALA B 100 34.53 -2.99 -4.59
N ASP B 101 33.94 -2.69 -5.74
CA ASP B 101 34.65 -2.02 -6.81
C ASP B 101 34.34 -0.53 -6.64
N LEU B 102 35.03 0.09 -5.70
CA LEU B 102 34.85 1.50 -5.40
C LEU B 102 34.98 2.49 -6.55
N THR B 103 34.92 2.03 -7.79
CA THR B 103 35.00 2.94 -8.94
C THR B 103 33.70 2.99 -9.77
N VAL B 104 32.63 2.39 -9.26
CA VAL B 104 31.39 2.34 -10.04
C VAL B 104 30.39 3.46 -9.86
N ASN B 105 30.33 4.04 -8.66
CA ASN B 105 29.37 5.11 -8.37
C ASN B 105 29.92 6.53 -8.41
N GLU B 106 29.14 7.45 -8.96
CA GLU B 106 29.52 8.86 -9.03
C GLU B 106 29.80 9.37 -7.62
N LEU B 107 28.77 9.85 -6.95
CA LEU B 107 28.94 10.35 -5.61
C LEU B 107 29.74 9.34 -4.79
N ASP B 108 30.84 9.80 -4.20
CA ASP B 108 31.72 8.96 -3.40
C ASP B 108 31.04 8.11 -2.33
N TYR B 109 30.08 8.69 -1.61
CA TYR B 109 29.41 7.94 -0.54
C TYR B 109 28.46 6.79 -1.01
N GLU B 110 28.26 6.69 -2.33
CA GLU B 110 27.43 5.61 -2.87
C GLU B 110 28.26 4.34 -3.12
N ASN B 111 29.58 4.44 -2.93
CA ASN B 111 30.45 3.28 -3.12
C ASN B 111 30.57 2.56 -1.77
N ASN B 112 30.67 1.23 -1.79
CA ASN B 112 30.74 0.47 -0.55
C ASN B 112 32.06 0.58 0.26
N LYS B 113 32.58 1.79 0.41
CA LYS B 113 33.84 1.98 1.15
C LYS B 113 33.66 1.49 2.58
N MET B 114 34.74 1.47 3.37
CA MET B 114 34.61 1.07 4.77
C MET B 114 33.91 2.24 5.45
N THR B 115 32.98 1.95 6.36
CA THR B 115 32.25 3.01 7.05
C THR B 115 33.16 4.16 7.50
N SER B 116 34.19 3.83 8.29
CA SER B 116 35.17 4.80 8.80
C SER B 116 35.62 5.79 7.73
N GLU B 117 36.00 5.27 6.55
CA GLU B 117 36.45 6.08 5.43
C GLU B 117 35.39 7.10 4.95
N LEU B 118 34.14 6.94 5.37
CA LEU B 118 33.09 7.86 4.99
C LEU B 118 32.78 8.77 6.17
N PHE B 119 32.88 8.22 7.37
CA PHE B 119 32.63 8.95 8.61
C PHE B 119 33.76 8.65 9.60
N PRO B 120 34.86 9.41 9.48
CA PRO B 120 36.05 9.28 10.33
C PRO B 120 35.75 9.28 11.82
N THR B 121 34.71 9.99 12.24
CA THR B 121 34.34 10.05 13.66
C THR B 121 32.89 9.66 13.96
N ALA B 122 32.70 9.15 15.18
CA ALA B 122 31.39 8.73 15.64
C ALA B 122 30.33 9.86 15.58
N GLU B 123 30.78 11.11 15.59
CA GLU B 123 29.86 12.25 15.56
C GLU B 123 29.46 12.63 14.14
N GLU B 124 30.17 12.06 13.17
CA GLU B 124 29.90 12.35 11.76
C GLU B 124 29.05 11.23 11.15
N TYR B 125 28.97 10.11 11.88
CA TYR B 125 28.22 8.94 11.44
C TYR B 125 26.74 9.17 11.30
N THR B 126 26.14 8.40 10.40
CA THR B 126 24.72 8.45 10.10
C THR B 126 24.33 7.25 9.28
N ASP B 127 23.31 6.51 9.73
CA ASP B 127 22.81 5.35 8.99
C ASP B 127 21.86 5.86 7.88
N SER B 128 21.45 7.12 7.96
CA SER B 128 20.57 7.73 6.97
C SER B 128 20.75 7.28 5.50
N LEU B 129 21.90 6.72 5.14
CA LEU B 129 22.08 6.30 3.76
C LEU B 129 22.01 4.78 3.57
N MET B 130 21.83 4.04 4.65
CA MET B 130 21.74 2.58 4.58
C MET B 130 20.71 1.93 5.52
N ASP B 131 20.17 2.70 6.46
CA ASP B 131 19.20 2.17 7.42
C ASP B 131 18.14 1.30 6.75
N PRO B 132 18.07 0.02 7.14
CA PRO B 132 17.05 -0.84 6.54
C PRO B 132 15.67 -0.33 6.97
N ALA B 133 15.66 0.38 8.10
CA ALA B 133 14.46 0.98 8.66
C ALA B 133 13.34 -0.01 8.85
N ILE B 134 13.65 -1.18 9.37
CA ILE B 134 12.60 -2.16 9.57
C ILE B 134 12.81 -2.75 10.95
N LEU B 135 11.74 -3.25 11.54
CA LEU B 135 11.83 -3.80 12.87
C LEU B 135 12.21 -5.28 12.90
N THR B 136 13.20 -5.65 12.09
CA THR B 136 13.71 -7.04 12.07
C THR B 136 15.20 -6.98 11.79
N SER B 137 15.96 -7.77 12.54
CA SER B 137 17.41 -7.75 12.41
C SER B 137 18.01 -8.48 11.21
N LEU B 138 19.27 -8.16 10.91
CA LEU B 138 19.98 -8.82 9.82
C LEU B 138 20.36 -10.18 10.36
N SER B 139 20.66 -10.20 11.65
CA SER B 139 21.04 -11.45 12.31
C SER B 139 19.95 -12.50 12.12
N SER B 140 18.70 -12.12 12.34
CA SER B 140 17.60 -13.06 12.20
C SER B 140 17.35 -13.46 10.73
N ASN B 141 17.50 -12.52 9.80
CA ASN B 141 17.32 -12.87 8.39
C ASN B 141 18.30 -14.02 8.10
N LEU B 142 19.51 -13.90 8.61
CA LEU B 142 20.50 -14.93 8.40
C LEU B 142 19.99 -16.23 8.99
N ASN B 143 19.68 -16.21 10.28
CA ASN B 143 19.18 -17.40 10.93
C ASN B 143 18.07 -18.05 10.13
N ALA B 144 17.15 -17.22 9.63
CA ALA B 144 16.03 -17.71 8.84
C ALA B 144 16.50 -18.47 7.58
N VAL B 145 17.46 -17.92 6.85
CA VAL B 145 17.96 -18.52 5.61
C VAL B 145 18.67 -19.85 5.79
N MET B 146 19.35 -20.02 6.91
CA MET B 146 20.07 -21.26 7.19
C MET B 146 19.09 -22.31 7.66
N PHE B 147 18.12 -21.87 8.46
CA PHE B 147 17.08 -22.76 8.94
C PHE B 147 16.43 -23.46 7.75
N TRP B 148 16.23 -22.70 6.69
CA TRP B 148 15.62 -23.24 5.50
C TRP B 148 16.60 -24.09 4.70
N LEU B 149 17.87 -23.68 4.67
CA LEU B 149 18.86 -24.42 3.91
C LEU B 149 18.97 -25.83 4.50
N GLU B 150 18.84 -25.90 5.82
CA GLU B 150 18.93 -27.17 6.52
C GLU B 150 17.74 -28.04 6.18
N LYS B 151 16.55 -27.53 6.45
CA LYS B 151 15.36 -28.29 6.19
C LYS B 151 15.29 -28.89 4.80
N HIS B 152 15.89 -28.22 3.82
CA HIS B 152 15.88 -28.73 2.45
C HIS B 152 17.24 -29.23 2.00
N GLU B 153 17.99 -29.76 2.97
CA GLU B 153 19.31 -30.30 2.73
C GLU B 153 19.17 -31.60 1.91
N ASN B 154 18.33 -32.51 2.39
CA ASN B 154 18.11 -33.79 1.73
C ASN B 154 16.87 -33.81 0.83
N ASP B 155 16.89 -32.96 -0.18
CA ASP B 155 15.78 -32.86 -1.12
C ASP B 155 16.16 -33.61 -2.40
N VAL B 156 15.19 -33.84 -3.29
CA VAL B 156 15.48 -34.57 -4.52
C VAL B 156 14.95 -33.91 -5.78
N ALA B 157 15.31 -34.48 -6.94
CA ALA B 157 14.89 -34.00 -8.26
C ALA B 157 14.99 -32.50 -8.44
N GLU B 158 13.85 -31.85 -8.62
CA GLU B 158 13.80 -30.40 -8.83
C GLU B 158 13.93 -29.60 -7.53
N LYS B 159 13.27 -30.04 -6.47
CA LYS B 159 13.35 -29.35 -5.19
C LYS B 159 14.80 -29.13 -4.79
N LEU B 160 15.63 -30.14 -5.00
CA LEU B 160 17.05 -30.10 -4.67
C LEU B 160 17.74 -29.02 -5.49
N LYS B 161 17.44 -29.01 -6.79
CA LYS B 161 18.01 -28.05 -7.74
C LYS B 161 17.68 -26.62 -7.32
N VAL B 162 16.65 -26.47 -6.49
CA VAL B 162 16.24 -25.16 -6.00
C VAL B 162 17.15 -24.87 -4.83
N TYR B 163 17.40 -25.89 -4.03
CA TYR B 163 18.27 -25.76 -2.89
C TYR B 163 19.70 -25.47 -3.38
N LYS B 164 20.14 -26.22 -4.38
CA LYS B 164 21.48 -26.05 -4.90
C LYS B 164 21.66 -24.63 -5.44
N ARG B 165 20.69 -24.13 -6.18
CA ARG B 165 20.83 -22.79 -6.71
C ARG B 165 20.91 -21.77 -5.57
N ARG B 166 20.30 -22.09 -4.44
CA ARG B 166 20.30 -21.18 -3.32
C ARG B 166 21.48 -21.34 -2.41
N LEU B 167 21.93 -22.57 -2.23
CA LEU B 167 23.07 -22.84 -1.37
C LEU B 167 24.26 -22.01 -1.84
N ASP B 168 24.36 -21.89 -3.16
CA ASP B 168 25.43 -21.15 -3.79
C ASP B 168 25.29 -19.67 -3.42
N LEU B 169 24.28 -19.02 -3.98
CA LEU B 169 24.03 -17.61 -3.72
C LEU B 169 24.18 -17.27 -2.22
N PHE B 170 23.68 -18.12 -1.34
CA PHE B 170 23.82 -17.79 0.06
C PHE B 170 25.27 -17.84 0.50
N THR B 171 26.10 -18.57 -0.24
CA THR B 171 27.52 -18.65 0.14
C THR B 171 28.07 -17.23 -0.02
N ILE B 172 27.82 -16.64 -1.18
CA ILE B 172 28.28 -15.28 -1.48
C ILE B 172 27.97 -14.34 -0.33
N VAL B 173 26.73 -14.35 0.15
CA VAL B 173 26.32 -13.48 1.24
C VAL B 173 27.10 -13.84 2.50
N ALA B 174 27.21 -15.13 2.78
CA ALA B 174 27.90 -15.62 3.98
C ALA B 174 29.40 -15.35 3.95
N SER B 175 30.03 -15.65 2.83
CA SER B 175 31.46 -15.45 2.68
C SER B 175 31.79 -13.98 2.91
N THR B 176 31.07 -13.12 2.21
CA THR B 176 31.29 -11.70 2.31
C THR B 176 31.00 -11.15 3.71
N ILE B 177 30.03 -11.71 4.41
CA ILE B 177 29.74 -11.21 5.75
C ILE B 177 30.80 -11.64 6.74
N ASN B 178 31.12 -12.93 6.76
CA ASN B 178 32.10 -13.48 7.68
C ASN B 178 33.45 -12.73 7.68
N LYS B 179 33.81 -12.17 6.53
CA LYS B 179 35.05 -11.43 6.41
C LYS B 179 35.10 -10.23 7.36
N TYR B 180 33.95 -9.76 7.83
CA TYR B 180 33.88 -8.60 8.74
C TYR B 180 33.10 -8.91 10.02
N GLY B 181 32.41 -10.04 10.02
CA GLY B 181 31.60 -10.43 11.18
C GLY B 181 30.16 -10.01 10.91
N VAL B 182 29.24 -10.39 11.79
CA VAL B 182 27.85 -10.03 11.60
C VAL B 182 27.51 -8.78 12.41
N PRO B 183 27.11 -7.70 11.74
CA PRO B 183 26.75 -6.43 12.38
C PRO B 183 25.69 -6.63 13.45
N ARG B 184 25.91 -6.11 14.65
CA ARG B 184 24.95 -6.27 15.71
C ARG B 184 24.07 -5.04 15.86
N HIS B 185 22.77 -5.28 15.93
CA HIS B 185 21.75 -4.24 16.05
C HIS B 185 21.45 -3.91 17.49
N ASN B 186 20.82 -2.75 17.70
CA ASN B 186 20.46 -2.32 19.04
C ASN B 186 18.95 -2.47 19.27
N ALA B 187 18.52 -2.14 20.48
CA ALA B 187 17.10 -2.21 20.84
C ALA B 187 16.13 -1.65 19.79
N LYS B 188 16.59 -0.74 18.95
CA LYS B 188 15.73 -0.15 17.93
C LYS B 188 16.02 -0.66 16.53
N TYR B 189 16.68 -1.80 16.47
CA TYR B 189 17.06 -2.45 15.21
C TYR B 189 17.86 -1.52 14.29
N ARG B 190 18.70 -0.69 14.93
CA ARG B 190 19.56 0.25 14.25
C ARG B 190 21.02 -0.21 14.27
N TYR B 191 21.80 0.20 13.26
CA TYR B 191 23.22 -0.18 13.24
C TYR B 191 24.07 1.05 13.53
N GLU B 192 24.67 1.05 14.72
CA GLU B 192 25.46 2.18 15.18
C GLU B 192 26.90 2.21 14.69
N TYR B 193 27.58 3.31 14.99
CA TYR B 193 28.95 3.51 14.57
C TYR B 193 29.94 2.44 15.02
N ASP B 194 29.99 2.19 16.31
CA ASP B 194 30.91 1.18 16.84
C ASP B 194 30.88 -0.09 16.02
N VAL B 195 29.69 -0.62 15.76
CA VAL B 195 29.56 -1.85 15.00
C VAL B 195 29.79 -1.66 13.50
N MET B 196 29.41 -0.51 12.97
CA MET B 196 29.57 -0.26 11.54
C MET B 196 30.93 0.23 11.03
N LYS B 197 31.68 0.95 11.87
CA LYS B 197 32.98 1.49 11.48
C LYS B 197 33.92 0.49 10.78
N ASP B 198 33.89 -0.76 11.22
CA ASP B 198 34.73 -1.82 10.64
C ASP B 198 34.24 -2.32 9.26
N LYS B 199 32.97 -2.74 9.22
CA LYS B 199 32.35 -3.27 8.01
C LYS B 199 32.00 -2.23 6.95
N PRO B 200 31.88 -2.66 5.67
CA PRO B 200 31.53 -1.74 4.58
C PRO B 200 30.19 -1.06 4.94
N TYR B 201 30.10 0.23 4.67
CA TYR B 201 28.90 0.96 5.00
C TYR B 201 27.60 0.25 4.63
N TYR B 202 27.50 -0.17 3.39
CA TYR B 202 26.31 -0.82 2.88
C TYR B 202 26.25 -2.33 3.11
N LEU B 203 27.06 -2.85 4.03
CA LEU B 203 27.04 -4.29 4.23
C LEU B 203 25.64 -4.82 4.55
N VAL B 204 25.09 -4.41 5.70
CA VAL B 204 23.78 -4.82 6.14
C VAL B 204 22.66 -4.67 5.10
N THR B 205 22.44 -3.46 4.62
CA THR B 205 21.37 -3.27 3.65
C THR B 205 21.48 -4.20 2.44
N TRP B 206 22.70 -4.42 1.97
CA TRP B 206 22.94 -5.27 0.82
C TRP B 206 22.67 -6.72 1.18
N ALA B 207 22.96 -7.08 2.43
CA ALA B 207 22.72 -8.44 2.87
C ALA B 207 21.23 -8.70 2.75
N ASN B 208 20.44 -7.78 3.32
CA ASN B 208 18.99 -7.84 3.31
C ASN B 208 18.41 -7.98 1.91
N SER B 209 18.89 -7.18 0.96
CA SER B 209 18.42 -7.30 -0.40
C SER B 209 18.82 -8.64 -1.05
N SER B 210 20.03 -9.15 -0.76
CA SER B 210 20.50 -10.40 -1.36
C SER B 210 19.77 -11.62 -0.81
N ILE B 211 19.48 -11.60 0.49
CA ILE B 211 18.78 -12.70 1.13
C ILE B 211 17.34 -12.72 0.61
N GLU B 212 16.76 -11.53 0.51
CA GLU B 212 15.40 -11.40 0.05
C GLU B 212 15.32 -11.89 -1.38
N MET B 213 16.38 -11.72 -2.17
CA MET B 213 16.36 -12.13 -3.57
C MET B 213 16.61 -13.63 -3.79
N LEU B 214 17.56 -14.16 -3.03
CA LEU B 214 17.94 -15.57 -3.14
C LEU B 214 16.80 -16.45 -2.65
N MET B 215 16.09 -16.01 -1.60
CA MET B 215 14.96 -16.78 -1.08
C MET B 215 13.72 -16.79 -2.01
N SER B 216 13.77 -16.01 -3.09
CA SER B 216 12.68 -15.93 -4.05
C SER B 216 13.20 -16.55 -5.34
N VAL B 217 14.18 -17.43 -5.22
CA VAL B 217 14.75 -18.08 -6.40
C VAL B 217 14.26 -19.51 -6.52
N PHE B 218 13.83 -19.87 -7.70
CA PHE B 218 13.35 -21.22 -7.95
C PHE B 218 13.98 -21.75 -9.23
N SER B 219 13.52 -21.26 -10.37
CA SER B 219 14.05 -21.68 -11.63
C SER B 219 15.51 -21.23 -11.86
N HIS B 220 16.19 -21.95 -12.75
CA HIS B 220 17.56 -21.65 -13.07
C HIS B 220 17.66 -20.18 -13.47
N ASP B 221 16.64 -19.67 -14.16
CA ASP B 221 16.64 -18.27 -14.55
C ASP B 221 16.64 -17.36 -13.31
N ASP B 222 15.96 -17.77 -12.24
CA ASP B 222 15.95 -16.93 -11.05
C ASP B 222 17.39 -16.88 -10.58
N TYR B 223 17.98 -18.06 -10.36
CA TYR B 223 19.37 -18.17 -9.91
C TYR B 223 20.32 -17.30 -10.72
N LEU B 224 20.18 -17.31 -12.04
CA LEU B 224 21.04 -16.49 -12.85
C LEU B 224 20.84 -15.01 -12.51
N ILE B 225 19.58 -14.60 -12.37
CA ILE B 225 19.24 -13.21 -12.06
C ILE B 225 19.66 -12.81 -10.65
N ALA B 226 19.36 -13.63 -9.66
CA ALA B 226 19.76 -13.30 -8.32
C ALA B 226 21.27 -13.03 -8.36
N LYS B 227 22.03 -14.08 -8.68
CA LYS B 227 23.49 -14.03 -8.78
C LYS B 227 24.06 -12.71 -9.29
N GLU B 228 23.66 -12.34 -10.50
CA GLU B 228 24.15 -11.10 -11.05
C GLU B 228 23.83 -9.94 -10.10
N LEU B 229 22.55 -9.60 -9.97
CA LEU B 229 22.11 -8.52 -9.10
C LEU B 229 22.81 -8.50 -7.74
N ILE B 230 22.92 -9.66 -7.10
CA ILE B 230 23.58 -9.71 -5.81
C ILE B 230 25.04 -9.31 -5.88
N VAL B 231 25.71 -9.66 -6.97
CA VAL B 231 27.12 -9.33 -7.09
C VAL B 231 27.32 -7.88 -7.51
N LEU B 232 26.66 -7.44 -8.57
CA LEU B 232 26.83 -6.07 -8.98
C LEU B 232 26.38 -5.04 -7.94
N SER B 233 25.34 -5.38 -7.19
CA SER B 233 24.78 -4.47 -6.19
C SER B 233 25.67 -4.23 -4.97
N TYR B 234 26.70 -5.08 -4.79
CA TYR B 234 27.62 -4.93 -3.67
C TYR B 234 28.52 -3.72 -3.94
N SER B 235 28.57 -3.30 -5.19
CA SER B 235 29.40 -2.16 -5.60
C SER B 235 28.54 -1.05 -6.22
N ASN B 236 27.63 -1.41 -7.11
CA ASN B 236 26.78 -0.41 -7.74
C ASN B 236 25.57 -0.18 -6.84
N ARG B 237 25.40 1.04 -6.36
CA ARG B 237 24.27 1.38 -5.49
C ARG B 237 23.55 2.57 -6.05
N SER B 238 23.39 2.64 -7.37
CA SER B 238 22.74 3.80 -7.94
C SER B 238 22.24 3.71 -9.37
N THR B 239 22.77 2.80 -10.18
CA THR B 239 22.28 2.72 -11.56
C THR B 239 21.88 1.32 -12.00
N LEU B 240 22.19 0.34 -11.16
CA LEU B 240 21.85 -1.04 -11.44
C LEU B 240 20.37 -1.15 -11.92
N ALA B 241 19.44 -0.98 -10.98
CA ALA B 241 17.99 -1.05 -11.25
C ALA B 241 17.52 -0.27 -12.50
N LYS B 242 17.97 0.95 -12.66
CA LYS B 242 17.59 1.74 -13.84
C LYS B 242 18.17 1.11 -15.13
N LEU B 243 19.36 0.51 -14.99
CA LEU B 243 20.04 -0.14 -16.09
C LEU B 243 19.34 -1.44 -16.48
N VAL B 244 19.07 -2.25 -15.46
CA VAL B 244 18.39 -3.52 -15.64
C VAL B 244 16.92 -3.40 -16.06
N SER B 245 16.28 -2.25 -15.83
CA SER B 245 14.87 -2.13 -16.22
C SER B 245 14.59 -1.13 -17.33
N SER B 246 15.60 -0.39 -17.75
CA SER B 246 15.40 0.58 -18.80
C SER B 246 14.93 0.00 -20.16
N PRO B 247 15.42 -1.20 -20.57
CA PRO B 247 15.05 -1.86 -21.84
C PRO B 247 13.55 -2.12 -22.00
N MET B 248 12.95 -2.59 -20.91
CA MET B 248 11.52 -2.90 -20.88
C MET B 248 10.61 -1.87 -21.54
N SER B 249 11.04 -0.62 -21.63
CA SER B 249 10.19 0.38 -22.23
C SER B 249 10.21 0.26 -23.74
N ILE B 250 11.19 -0.46 -24.27
CA ILE B 250 11.26 -0.65 -25.71
C ILE B 250 10.62 -2.02 -26.04
N LEU B 251 10.92 -3.03 -25.24
CA LEU B 251 10.38 -4.35 -25.47
C LEU B 251 8.85 -4.38 -25.67
N VAL B 252 8.12 -3.56 -24.92
CA VAL B 252 6.67 -3.56 -25.03
C VAL B 252 6.24 -3.18 -26.44
N ALA B 253 7.08 -2.46 -27.16
CA ALA B 253 6.71 -2.05 -28.50
C ALA B 253 7.11 -3.11 -29.55
N LEU B 254 7.65 -4.23 -29.09
CA LEU B 254 8.07 -5.25 -30.02
C LEU B 254 7.07 -6.41 -30.18
N VAL B 255 6.48 -6.90 -29.09
CA VAL B 255 5.56 -8.01 -29.18
C VAL B 255 4.25 -7.73 -29.91
N ASP B 256 3.93 -8.62 -30.83
CA ASP B 256 2.71 -8.54 -31.63
C ASP B 256 1.49 -8.89 -30.78
N ILE B 257 0.36 -8.28 -31.13
CA ILE B 257 -0.90 -8.56 -30.44
C ILE B 257 -1.68 -9.65 -31.19
N ASN B 258 -1.90 -10.79 -30.54
CA ASN B 258 -2.68 -11.89 -31.12
C ASN B 258 -3.84 -12.12 -30.16
N GLY B 259 -4.80 -11.21 -30.18
CA GLY B 259 -5.92 -11.36 -29.28
C GLY B 259 -5.62 -10.69 -27.95
N THR B 260 -6.52 -9.82 -27.51
CA THR B 260 -6.36 -9.08 -26.25
C THR B 260 -7.72 -8.70 -25.73
N PHE B 261 -7.77 -8.19 -24.49
CA PHE B 261 -9.05 -7.75 -23.95
C PHE B 261 -9.17 -6.25 -24.15
N ILE B 262 -10.41 -5.80 -24.33
CA ILE B 262 -10.67 -4.39 -24.56
C ILE B 262 -11.79 -3.94 -23.66
N THR B 263 -12.04 -2.64 -23.64
CA THR B 263 -13.08 -2.07 -22.83
C THR B 263 -14.28 -1.80 -23.73
N ASN B 264 -15.48 -2.15 -23.27
CA ASN B 264 -16.67 -1.89 -24.07
C ASN B 264 -17.51 -0.77 -23.45
N GLU B 265 -18.62 -0.46 -24.09
CA GLU B 265 -19.51 0.61 -23.64
C GLU B 265 -20.01 0.50 -22.21
N GLU B 266 -20.03 -0.72 -21.67
CA GLU B 266 -20.45 -0.95 -20.30
C GLU B 266 -19.23 -0.87 -19.39
N LEU B 267 -18.12 -0.41 -19.95
CA LEU B 267 -16.85 -0.29 -19.24
C LEU B 267 -16.44 -1.57 -18.58
N GLU B 268 -16.36 -2.64 -19.35
CA GLU B 268 -15.97 -3.94 -18.83
C GLU B 268 -15.09 -4.69 -19.85
N LEU B 269 -14.19 -5.54 -19.35
CA LEU B 269 -13.32 -6.27 -20.24
C LEU B 269 -14.09 -7.26 -21.13
N GLU B 270 -13.67 -7.34 -22.38
CA GLU B 270 -14.29 -8.21 -23.35
C GLU B 270 -13.22 -8.68 -24.34
N PHE B 271 -13.17 -9.98 -24.61
CA PHE B 271 -12.17 -10.49 -25.52
C PHE B 271 -12.29 -10.05 -26.99
N SER B 272 -11.15 -9.75 -27.60
CA SER B 272 -11.07 -9.32 -29.00
C SER B 272 -9.95 -10.13 -29.67
N ASN B 273 -10.31 -11.06 -30.53
CA ASN B 273 -9.35 -11.94 -31.18
C ASN B 273 -8.43 -11.27 -32.22
N LYS B 274 -8.57 -9.96 -32.39
CA LYS B 274 -7.77 -9.21 -33.37
C LYS B 274 -6.25 -9.39 -33.32
N TYR B 275 -5.63 -8.90 -34.39
CA TYR B 275 -4.19 -8.98 -34.55
C TYR B 275 -3.68 -7.59 -34.83
N VAL B 276 -2.60 -7.23 -34.13
CA VAL B 276 -2.00 -5.94 -34.36
C VAL B 276 -0.52 -6.18 -34.59
N ARG B 277 -0.04 -5.67 -35.74
CA ARG B 277 1.34 -5.77 -36.15
C ARG B 277 2.23 -4.78 -35.41
N ALA B 278 3.25 -5.28 -34.71
CA ALA B 278 4.18 -4.41 -33.98
C ALA B 278 5.12 -3.80 -35.02
N ILE B 279 5.04 -2.49 -35.17
CA ILE B 279 5.86 -1.75 -36.14
C ILE B 279 6.98 -0.96 -35.44
N VAL B 280 8.23 -1.41 -35.62
CA VAL B 280 9.36 -0.78 -34.95
C VAL B 280 10.44 -0.18 -35.86
N PRO B 281 10.61 1.16 -35.83
CA PRO B 281 11.62 1.78 -36.69
C PRO B 281 13.00 1.34 -36.23
N ASP B 282 13.88 1.12 -37.19
CA ASP B 282 15.25 0.67 -36.93
C ASP B 282 15.94 1.47 -35.81
N GLN B 283 15.85 2.80 -35.89
CA GLN B 283 16.44 3.69 -34.90
C GLN B 283 16.14 3.19 -33.49
N THR B 284 14.96 2.62 -33.31
CA THR B 284 14.56 2.12 -32.00
C THR B 284 15.49 1.00 -31.59
N PHE B 285 15.83 0.14 -32.54
CA PHE B 285 16.73 -0.96 -32.24
C PHE B 285 18.13 -0.51 -31.78
N ASP B 286 18.57 0.65 -32.26
CA ASP B 286 19.86 1.20 -31.88
C ASP B 286 19.78 1.61 -30.41
N GLU B 287 18.68 2.31 -30.10
CA GLU B 287 18.43 2.77 -28.74
C GLU B 287 18.44 1.57 -27.81
N LEU B 288 17.74 0.51 -28.21
CA LEU B 288 17.67 -0.67 -27.37
C LEU B 288 19.04 -1.31 -27.26
N ASN B 289 19.87 -1.13 -28.28
CA ASN B 289 21.19 -1.71 -28.24
C ASN B 289 22.09 -0.92 -27.28
N GLN B 290 22.04 0.40 -27.39
CA GLN B 290 22.85 1.27 -26.53
C GLN B 290 22.53 0.88 -25.10
N MET B 291 21.26 0.54 -24.85
CA MET B 291 20.83 0.15 -23.52
C MET B 291 21.42 -1.19 -23.12
N LEU B 292 21.50 -2.11 -24.07
CA LEU B 292 22.05 -3.44 -23.79
C LEU B 292 23.56 -3.34 -23.58
N ASP B 293 24.18 -2.42 -24.32
CA ASP B 293 25.62 -2.18 -24.21
C ASP B 293 25.92 -1.55 -22.85
N ASN B 294 25.13 -0.54 -22.48
CA ASN B 294 25.27 0.13 -21.19
C ASN B 294 25.20 -0.89 -20.06
N MET B 295 24.24 -1.80 -20.15
CA MET B 295 24.11 -2.82 -19.13
C MET B 295 25.42 -3.58 -19.09
N ARG B 296 25.91 -3.96 -20.27
CA ARG B 296 27.15 -4.73 -20.39
C ARG B 296 28.37 -4.01 -19.82
N LYS B 297 28.52 -2.74 -20.19
CA LYS B 297 29.62 -1.92 -19.71
C LYS B 297 29.65 -1.88 -18.18
N ALA B 298 28.51 -2.15 -17.53
CA ALA B 298 28.46 -2.10 -16.06
C ALA B 298 28.66 -3.45 -15.38
N GLY B 299 29.09 -4.44 -16.15
CA GLY B 299 29.36 -5.75 -15.58
C GLY B 299 28.37 -6.81 -15.97
N LEU B 300 27.15 -6.35 -16.22
CA LEU B 300 26.05 -7.21 -16.59
C LEU B 300 26.38 -8.10 -17.79
N VAL B 301 26.19 -9.41 -17.61
CA VAL B 301 26.44 -10.39 -18.68
C VAL B 301 25.23 -11.29 -18.96
N ASP B 302 24.88 -12.13 -17.98
CA ASP B 302 23.75 -13.06 -18.07
C ASP B 302 22.43 -12.35 -18.50
N ILE B 303 22.00 -11.36 -17.71
CA ILE B 303 20.79 -10.59 -17.98
C ILE B 303 20.77 -10.04 -19.40
N PRO B 304 21.85 -9.38 -19.84
CA PRO B 304 21.79 -8.85 -21.21
C PRO B 304 21.59 -9.94 -22.26
N LYS B 305 22.22 -11.10 -22.05
CA LYS B 305 22.07 -12.19 -23.00
C LYS B 305 20.63 -12.64 -23.07
N MET B 306 19.99 -12.80 -21.89
CA MET B 306 18.58 -13.21 -21.86
C MET B 306 17.72 -12.28 -22.72
N ILE B 307 17.91 -10.98 -22.60
CA ILE B 307 17.09 -10.08 -23.42
C ILE B 307 17.45 -10.24 -24.90
N GLN B 308 18.72 -10.58 -25.15
CA GLN B 308 19.19 -10.72 -26.52
C GLN B 308 18.57 -11.98 -27.14
N ASP B 309 18.59 -13.08 -26.39
CA ASP B 309 17.98 -14.30 -26.89
C ASP B 309 16.52 -13.96 -27.26
N TRP B 310 15.75 -13.52 -26.27
CA TRP B 310 14.35 -13.17 -26.46
C TRP B 310 14.13 -12.28 -27.67
N LEU B 311 15.13 -11.47 -27.99
CA LEU B 311 14.99 -10.55 -29.12
C LEU B 311 15.00 -11.16 -30.53
N VAL B 312 15.27 -12.45 -30.67
CA VAL B 312 15.28 -13.07 -32.01
C VAL B 312 13.87 -13.18 -32.57
N ASP B 313 12.98 -13.75 -31.78
CA ASP B 313 11.58 -13.91 -32.20
C ASP B 313 10.59 -12.95 -31.52
N ARG B 314 10.87 -12.58 -30.27
CA ARG B 314 10.01 -11.66 -29.51
C ARG B 314 8.59 -12.22 -29.35
N SER B 315 8.48 -13.37 -28.70
CA SER B 315 7.19 -14.02 -28.51
C SER B 315 6.57 -13.71 -27.16
N ILE B 316 5.34 -13.24 -27.17
CA ILE B 316 4.68 -12.96 -25.93
C ILE B 316 4.72 -14.24 -25.06
N GLU B 317 5.00 -15.38 -25.67
CA GLU B 317 5.06 -16.64 -24.93
C GLU B 317 6.34 -16.79 -24.14
N LYS B 318 7.38 -16.11 -24.60
CA LYS B 318 8.65 -16.16 -23.90
C LYS B 318 8.91 -14.84 -23.16
N PHE B 319 7.99 -13.88 -23.31
CA PHE B 319 8.09 -12.59 -22.65
C PHE B 319 8.18 -12.68 -21.12
N PRO B 320 7.52 -13.66 -20.51
CA PRO B 320 7.57 -13.82 -19.06
C PRO B 320 8.93 -13.58 -18.41
N LEU B 321 10.02 -13.91 -19.11
CA LEU B 321 11.37 -13.74 -18.58
C LEU B 321 11.71 -12.25 -18.50
N MET B 322 11.32 -11.52 -19.54
CA MET B 322 11.60 -10.08 -19.57
C MET B 322 10.93 -9.37 -18.39
N ALA B 323 9.72 -9.79 -18.05
CA ALA B 323 8.97 -9.20 -16.95
C ALA B 323 9.56 -9.63 -15.62
N LYS B 324 10.15 -10.82 -15.61
CA LYS B 324 10.74 -11.33 -14.38
C LYS B 324 11.91 -10.44 -14.00
N ILE B 325 12.73 -10.09 -14.99
CA ILE B 325 13.89 -9.26 -14.77
C ILE B 325 13.43 -7.87 -14.31
N TYR B 326 12.50 -7.29 -15.06
CA TYR B 326 11.92 -5.98 -14.76
C TYR B 326 11.48 -5.83 -13.31
N SER B 327 11.01 -6.91 -12.71
CA SER B 327 10.51 -6.88 -11.33
C SER B 327 11.59 -7.14 -10.34
N TRP B 328 12.59 -7.89 -10.78
CA TRP B 328 13.70 -8.23 -9.91
C TRP B 328 14.61 -7.04 -9.70
N SER B 329 14.77 -6.20 -10.73
CA SER B 329 15.66 -5.09 -10.63
C SER B 329 15.43 -4.26 -9.41
N PHE B 330 14.18 -4.16 -8.97
CA PHE B 330 13.87 -3.37 -7.78
C PHE B 330 14.33 -3.90 -6.45
N HIS B 331 14.50 -5.21 -6.34
CA HIS B 331 14.90 -5.83 -5.08
C HIS B 331 16.34 -5.60 -4.66
N VAL B 332 17.04 -4.74 -5.43
CA VAL B 332 18.44 -4.36 -5.10
C VAL B 332 18.43 -3.48 -3.84
N GLY B 333 17.33 -2.75 -3.63
CA GLY B 333 17.21 -1.89 -2.48
C GLY B 333 16.89 -0.46 -2.88
N PHE B 334 16.71 0.40 -1.89
CA PHE B 334 16.39 1.81 -2.17
C PHE B 334 17.64 2.64 -2.40
N ARG B 335 17.54 3.64 -3.27
CA ARG B 335 18.67 4.52 -3.48
C ARG B 335 18.54 5.72 -2.54
N LYS B 336 19.22 5.69 -1.40
CA LYS B 336 19.16 6.78 -0.45
C LYS B 336 20.35 7.77 -0.48
N GLN B 337 20.23 8.83 -1.27
CA GLN B 337 21.26 9.86 -1.38
C GLN B 337 21.23 10.87 -0.22
N LYS B 338 22.02 11.94 -0.35
CA LYS B 338 22.05 13.01 0.66
C LYS B 338 21.09 14.11 0.25
N MET B 339 20.36 14.64 1.23
CA MET B 339 19.42 15.68 0.94
C MET B 339 19.93 16.70 -0.07
N LEU B 340 21.19 17.06 0.03
CA LEU B 340 21.78 18.07 -0.85
C LEU B 340 21.90 17.67 -2.31
N ASP B 341 22.40 16.47 -2.56
CA ASP B 341 22.52 15.99 -3.91
C ASP B 341 21.14 15.81 -4.51
N ALA B 342 20.22 15.25 -3.72
CA ALA B 342 18.84 15.01 -4.16
C ALA B 342 18.21 16.30 -4.62
N ALA B 343 18.45 17.36 -3.86
CA ALA B 343 17.92 18.67 -4.17
C ALA B 343 18.73 19.41 -5.25
N LEU B 344 20.01 19.07 -5.38
CA LEU B 344 20.89 19.74 -6.32
C LEU B 344 20.57 19.63 -7.81
N ASP B 345 20.13 18.47 -8.26
CA ASP B 345 19.81 18.26 -9.67
C ASP B 345 18.89 19.35 -10.24
N GLN B 346 17.93 19.81 -9.42
CA GLN B 346 16.96 20.82 -9.85
C GLN B 346 17.61 22.11 -10.34
N GLU B 358 8.50 31.60 -23.44
CA GLU B 358 7.97 32.16 -24.68
C GLU B 358 7.10 31.14 -25.41
N MET B 359 7.41 29.85 -25.25
CA MET B 359 6.64 28.78 -25.88
C MET B 359 5.76 27.99 -24.89
N TYR B 360 5.56 28.57 -23.72
CA TYR B 360 4.74 27.97 -22.68
C TYR B 360 3.39 28.65 -22.67
N ARG B 361 3.18 29.57 -23.61
CA ARG B 361 1.92 30.32 -23.70
C ARG B 361 0.75 29.35 -23.82
N GLU B 362 0.89 28.37 -24.71
CA GLU B 362 -0.15 27.38 -24.92
C GLU B 362 -0.31 26.52 -23.68
N TYR B 363 0.82 26.05 -23.15
CA TYR B 363 0.85 25.20 -21.96
C TYR B 363 0.20 25.86 -20.76
N THR B 364 0.52 27.12 -20.49
CA THR B 364 -0.09 27.77 -19.33
C THR B 364 -1.55 28.06 -19.56
N MET B 365 -1.91 28.43 -20.79
CA MET B 365 -3.31 28.72 -21.12
C MET B 365 -4.19 27.50 -20.81
N LEU B 366 -3.66 26.30 -21.03
CA LEU B 366 -4.41 25.07 -20.76
C LEU B 366 -4.54 24.80 -19.26
N ILE B 367 -3.46 25.00 -18.52
CA ILE B 367 -3.50 24.79 -17.09
C ILE B 367 -4.55 25.73 -16.51
N ARG B 368 -4.54 26.98 -16.96
CA ARG B 368 -5.51 27.96 -16.49
C ARG B 368 -6.95 27.62 -16.83
N ASP B 369 -7.22 27.12 -18.05
CA ASP B 369 -8.58 26.76 -18.46
C ASP B 369 -9.07 25.54 -17.68
N GLU B 370 -8.22 24.51 -17.59
CA GLU B 370 -8.55 23.28 -16.88
C GLU B 370 -8.87 23.57 -15.42
N VAL B 371 -8.15 24.52 -14.82
CA VAL B 371 -8.40 24.88 -13.43
C VAL B 371 -9.75 25.55 -13.32
N VAL B 372 -10.19 26.21 -14.38
CA VAL B 372 -11.49 26.87 -14.39
C VAL B 372 -12.62 25.84 -14.50
N LYS B 373 -12.56 24.99 -15.52
CA LYS B 373 -13.58 23.97 -15.71
C LYS B 373 -13.93 23.20 -14.44
N MET B 374 -12.94 22.97 -13.60
CA MET B 374 -13.13 22.22 -12.37
C MET B 374 -13.82 22.97 -11.23
N LEU B 375 -13.83 24.29 -11.27
CA LEU B 375 -14.42 25.07 -10.19
C LEU B 375 -15.47 26.10 -10.64
N GLU B 376 -15.68 26.16 -11.94
CA GLU B 376 -16.64 27.09 -12.52
C GLU B 376 -17.98 26.92 -11.82
N GLU B 377 -18.56 25.73 -11.93
CA GLU B 377 -19.85 25.44 -11.31
C GLU B 377 -19.81 25.63 -9.82
N PRO B 378 -18.87 24.94 -9.15
CA PRO B 378 -18.79 25.09 -7.69
C PRO B 378 -18.81 26.55 -7.24
N VAL B 379 -18.06 27.39 -7.93
CA VAL B 379 -17.99 28.80 -7.60
C VAL B 379 -19.25 29.57 -7.94
N LYS B 380 -19.67 29.44 -9.20
CA LYS B 380 -20.87 30.14 -9.67
C LYS B 380 -22.06 29.94 -8.72
N HIS B 381 -22.27 28.72 -8.25
CA HIS B 381 -23.40 28.43 -7.36
C HIS B 381 -23.09 28.60 -5.87
N ASP B 382 -22.10 29.42 -5.55
CA ASP B 382 -21.74 29.66 -4.15
C ASP B 382 -21.74 28.36 -3.34
N ASP B 383 -20.99 27.37 -3.83
CA ASP B 383 -20.87 26.07 -3.19
C ASP B 383 -20.54 26.25 -1.72
N HIS B 384 -21.26 25.58 -0.84
CA HIS B 384 -20.97 25.77 0.56
C HIS B 384 -19.57 25.27 0.89
N LEU B 385 -19.11 24.20 0.25
CA LEU B 385 -17.79 23.66 0.56
C LEU B 385 -16.75 24.75 0.41
N LEU B 386 -16.87 25.53 -0.66
CA LEU B 386 -15.97 26.64 -0.93
C LEU B 386 -16.16 27.78 0.08
N ARG B 387 -17.38 27.96 0.57
CA ARG B 387 -17.60 29.03 1.54
C ARG B 387 -16.95 28.62 2.86
N ASP B 388 -17.26 27.43 3.35
CA ASP B 388 -16.72 26.97 4.63
C ASP B 388 -15.45 26.15 4.47
N SER B 389 -14.69 26.50 3.43
CA SER B 389 -13.44 25.83 3.13
C SER B 389 -12.51 25.75 4.32
N GLU B 390 -12.51 26.80 5.13
CA GLU B 390 -11.61 26.79 6.28
C GLU B 390 -12.00 25.73 7.28
N LEU B 391 -13.30 25.57 7.51
CA LEU B 391 -13.75 24.58 8.48
C LEU B 391 -13.45 23.17 7.97
N ALA B 392 -13.65 22.96 6.67
CA ALA B 392 -13.37 21.69 6.02
C ALA B 392 -11.89 21.34 6.23
N GLY B 393 -11.02 22.34 6.01
CA GLY B 393 -9.59 22.15 6.21
C GLY B 393 -9.26 21.63 7.60
N LEU B 394 -9.99 22.12 8.61
CA LEU B 394 -9.74 21.71 9.99
C LEU B 394 -10.13 20.26 10.32
N LEU B 395 -11.25 19.82 9.78
CA LEU B 395 -11.72 18.46 10.04
C LEU B 395 -10.84 17.46 9.31
N SER B 396 -10.27 17.89 8.18
CA SER B 396 -9.39 17.04 7.36
C SER B 396 -7.93 17.03 7.87
N MET B 397 -7.58 17.97 8.74
CA MET B 397 -6.24 18.09 9.28
C MET B 397 -5.71 16.77 9.83
N SER B 398 -4.45 16.47 9.55
CA SER B 398 -3.86 15.23 10.02
C SER B 398 -3.07 15.50 11.30
N SER B 399 -2.20 14.57 11.67
CA SER B 399 -1.37 14.75 12.87
C SER B 399 0.10 14.59 12.49
N ALA B 400 0.42 14.98 11.26
CA ALA B 400 1.78 14.91 10.74
C ALA B 400 2.60 16.14 11.15
N SER B 401 3.75 16.35 10.50
CA SER B 401 4.62 17.47 10.85
C SER B 401 4.25 18.83 10.25
N ASN B 402 4.49 19.86 11.05
CA ASN B 402 4.22 21.22 10.65
C ASN B 402 5.57 21.85 10.27
N GLY B 403 6.65 21.22 10.69
CA GLY B 403 7.97 21.73 10.35
C GLY B 403 8.90 21.99 11.51
N GLU B 404 8.42 22.74 12.49
CA GLU B 404 9.23 23.09 13.65
C GLU B 404 8.75 22.43 14.93
N SER B 405 9.68 22.09 15.82
CA SER B 405 9.33 21.48 17.08
C SER B 405 8.99 22.60 18.07
N ARG B 406 7.70 22.78 18.33
CA ARG B 406 7.26 23.83 19.26
C ARG B 406 7.11 23.31 20.68
N GLN B 407 7.24 24.22 21.64
CA GLN B 407 7.07 23.87 23.04
C GLN B 407 5.58 24.06 23.25
N LEU B 408 4.94 23.06 23.84
CA LEU B 408 3.50 23.16 24.05
C LEU B 408 3.05 22.83 25.48
N LYS B 409 2.16 23.67 25.98
CA LYS B 409 1.62 23.55 27.33
C LYS B 409 0.19 23.06 27.23
N PHE B 410 -0.05 21.90 27.83
CA PHE B 410 -1.37 21.28 27.84
C PHE B 410 -1.80 21.04 29.28
N GLY B 411 -2.88 21.71 29.66
CA GLY B 411 -3.39 21.59 31.02
C GLY B 411 -2.37 22.13 32.00
N ARG B 412 -1.48 21.24 32.44
CA ARG B 412 -0.45 21.62 33.39
C ARG B 412 0.87 20.90 33.02
N LYS B 413 1.00 20.59 31.74
CA LYS B 413 2.20 19.91 31.24
C LYS B 413 2.85 20.62 30.04
N THR B 414 4.16 20.82 30.14
CA THR B 414 4.94 21.46 29.09
C THR B 414 5.68 20.37 28.34
N ILE B 415 5.23 20.08 27.12
CA ILE B 415 5.82 19.06 26.29
C ILE B 415 6.13 19.66 24.92
N PHE B 416 6.97 19.01 24.12
CA PHE B 416 7.27 19.52 22.79
C PHE B 416 6.79 18.55 21.71
N SER B 417 6.30 19.10 20.60
CA SER B 417 5.77 18.31 19.50
C SER B 417 5.92 19.08 18.20
N THR B 418 5.83 18.37 17.07
CA THR B 418 5.96 19.01 15.76
C THR B 418 4.64 18.83 15.02
N LYS B 419 3.78 18.04 15.62
CA LYS B 419 2.47 17.70 15.09
C LYS B 419 1.61 18.90 14.70
N LYS B 420 0.89 18.75 13.60
CA LYS B 420 0.02 19.79 13.09
C LYS B 420 -1.22 19.95 13.96
N ASN B 421 -1.84 18.84 14.33
CA ASN B 421 -3.05 18.88 15.14
C ASN B 421 -2.78 19.60 16.45
N MET B 422 -1.55 19.47 16.94
CA MET B 422 -1.13 20.13 18.19
C MET B 422 -0.95 21.63 17.96
N HIS B 423 -0.13 21.98 16.98
CA HIS B 423 0.12 23.37 16.68
C HIS B 423 -1.15 24.18 16.42
N VAL B 424 -2.17 23.58 15.80
CA VAL B 424 -3.38 24.33 15.53
C VAL B 424 -4.15 24.62 16.82
N MET B 425 -4.14 23.67 17.74
CA MET B 425 -4.85 23.86 19.00
C MET B 425 -4.19 24.99 19.79
N ASP B 426 -2.94 24.75 20.20
CA ASP B 426 -2.15 25.70 20.97
C ASP B 426 -2.22 27.10 20.35
N ASP B 427 -2.22 27.19 19.03
CA ASP B 427 -2.26 28.50 18.39
C ASP B 427 -3.61 29.21 18.50
N MET B 428 -4.70 28.45 18.59
CA MET B 428 -6.03 29.04 18.73
C MET B 428 -6.22 29.52 20.17
N ALA B 429 -5.78 28.70 21.11
CA ALA B 429 -5.90 29.03 22.52
C ALA B 429 -5.05 30.25 22.90
N ASN B 430 -4.35 30.84 21.93
CA ASN B 430 -3.51 32.00 22.20
C ASN B 430 -3.64 33.05 21.12
N GLU B 431 -4.83 33.15 20.54
CA GLU B 431 -5.07 34.16 19.51
C GLU B 431 -4.10 34.09 18.35
N ARG B 432 -3.15 33.16 18.37
CA ARG B 432 -2.15 33.02 17.29
C ARG B 432 -2.70 32.36 16.02
N TYR B 433 -3.81 31.62 16.15
CA TYR B 433 -4.40 30.95 15.00
C TYR B 433 -4.83 31.98 13.97
N THR B 434 -4.16 32.01 12.82
CA THR B 434 -4.50 32.98 11.79
C THR B 434 -4.34 32.48 10.35
N PRO B 435 -5.33 31.72 9.86
CA PRO B 435 -5.34 31.15 8.51
C PRO B 435 -5.62 32.22 7.45
N GLY B 436 -5.84 33.44 7.91
CA GLY B 436 -6.09 34.52 6.99
C GLY B 436 -4.77 34.95 6.41
N ILE B 437 -3.73 34.70 7.19
CA ILE B 437 -2.38 35.04 6.80
C ILE B 437 -1.63 33.77 6.43
N ILE B 438 -1.23 33.69 5.17
CA ILE B 438 -0.46 32.56 4.66
C ILE B 438 1.03 32.84 4.75
N PRO B 439 1.70 32.31 5.80
CA PRO B 439 3.13 32.46 6.06
C PRO B 439 4.01 32.42 4.84
N PRO B 440 5.17 33.09 4.89
CA PRO B 440 6.10 33.10 3.75
C PRO B 440 6.91 31.82 3.76
N VAL B 441 7.50 31.49 2.63
CA VAL B 441 8.31 30.30 2.52
C VAL B 441 9.60 30.66 1.83
N ASN B 442 9.96 31.95 1.93
CA ASN B 442 11.18 32.43 1.30
C ASN B 442 12.39 32.43 2.23
N VAL B 443 13.38 33.25 1.89
CA VAL B 443 14.62 33.36 2.65
C VAL B 443 14.47 33.64 4.14
N ASP B 444 13.37 34.30 4.51
CA ASP B 444 13.10 34.62 5.92
C ASP B 444 12.52 33.43 6.67
N LYS B 445 11.68 32.64 5.99
CA LYS B 445 11.07 31.45 6.60
C LYS B 445 11.26 30.24 5.66
N PRO B 446 12.50 29.70 5.57
CA PRO B 446 12.82 28.56 4.71
C PRO B 446 11.99 27.32 4.97
N ILE B 447 11.63 26.63 3.90
CA ILE B 447 10.83 25.42 3.95
C ILE B 447 11.63 24.21 4.49
N PRO B 448 11.18 23.58 5.60
CA PRO B 448 11.90 22.42 6.13
C PRO B 448 11.67 21.33 5.08
N LEU B 449 12.54 20.32 5.03
CA LEU B 449 12.43 19.31 4.00
C LEU B 449 12.24 17.86 4.40
N GLY B 450 11.50 17.14 3.58
CA GLY B 450 11.29 15.73 3.79
C GLY B 450 11.86 15.03 2.56
N ARG B 451 11.87 13.70 2.58
CA ARG B 451 12.41 12.95 1.46
C ARG B 451 11.56 11.79 1.02
N ARG B 452 11.68 11.46 -0.26
CA ARG B 452 10.96 10.36 -0.84
C ARG B 452 11.99 9.40 -1.45
N ASP B 453 12.09 8.21 -0.89
CA ASP B 453 13.03 7.21 -1.38
C ASP B 453 12.36 6.06 -2.11
N VAL B 454 12.90 5.71 -3.28
CA VAL B 454 12.36 4.64 -4.09
C VAL B 454 13.48 3.83 -4.74
N PRO B 455 13.24 2.53 -5.00
CA PRO B 455 14.31 1.74 -5.61
C PRO B 455 14.44 2.13 -7.06
N GLY B 456 15.69 2.18 -7.54
CA GLY B 456 15.94 2.50 -8.93
C GLY B 456 15.94 3.95 -9.35
N ARG B 457 15.06 4.76 -8.78
CA ARG B 457 14.99 6.16 -9.14
C ARG B 457 15.71 7.03 -8.11
N ARG B 458 16.12 8.22 -8.54
CA ARG B 458 16.85 9.14 -7.67
C ARG B 458 15.96 9.72 -6.56
N THR B 459 16.57 10.07 -5.43
CA THR B 459 15.85 10.64 -4.32
C THR B 459 15.26 12.02 -4.65
N ARG B 460 14.07 12.27 -4.13
CA ARG B 460 13.38 13.52 -4.34
C ARG B 460 13.06 14.14 -2.99
N ILE B 461 13.07 15.46 -2.94
CA ILE B 461 12.79 16.14 -1.69
C ILE B 461 11.32 16.50 -1.55
N ILE B 462 10.91 16.78 -0.32
CA ILE B 462 9.53 17.13 -0.02
C ILE B 462 9.39 18.32 0.93
N PHE B 463 8.49 19.24 0.57
CA PHE B 463 8.19 20.41 1.39
C PHE B 463 7.32 20.04 2.58
N ILE B 464 7.67 20.48 3.77
CA ILE B 464 6.84 20.24 4.92
C ILE B 464 6.29 21.62 5.31
N LEU B 465 5.39 22.15 4.48
CA LEU B 465 4.76 23.46 4.68
C LEU B 465 3.92 23.56 5.96
N PRO B 466 3.70 24.79 6.47
CA PRO B 466 2.90 24.98 7.69
C PRO B 466 1.42 24.75 7.35
N TYR B 467 0.62 24.40 8.37
CA TYR B 467 -0.80 24.10 8.16
C TYR B 467 -1.67 25.17 7.48
N GLU B 468 -1.19 26.40 7.42
CA GLU B 468 -1.96 27.44 6.77
C GLU B 468 -2.10 27.06 5.31
N TYR B 469 -1.14 26.27 4.82
CA TYR B 469 -1.15 25.83 3.41
C TYR B 469 -2.17 24.73 3.10
N PHE B 470 -2.33 23.79 4.03
CA PHE B 470 -3.29 22.72 3.88
C PHE B 470 -4.71 23.28 3.87
N ILE B 471 -5.05 24.01 4.93
CA ILE B 471 -6.37 24.61 5.07
C ILE B 471 -6.75 25.44 3.85
N ALA B 472 -5.81 26.21 3.36
CA ALA B 472 -6.05 27.05 2.20
C ALA B 472 -6.28 26.28 0.91
N GLN B 473 -5.77 25.05 0.84
CA GLN B 473 -5.90 24.26 -0.38
C GLN B 473 -6.91 23.13 -0.34
N HIS B 474 -7.08 22.52 0.82
CA HIS B 474 -8.00 21.41 0.99
C HIS B 474 -9.31 21.41 0.21
N ALA B 475 -10.18 22.38 0.51
CA ALA B 475 -11.47 22.45 -0.18
C ALA B 475 -11.37 22.54 -1.69
N VAL B 476 -10.57 23.47 -2.18
CA VAL B 476 -10.43 23.63 -3.63
C VAL B 476 -9.92 22.36 -4.33
N VAL B 477 -8.99 21.65 -3.68
CA VAL B 477 -8.44 20.43 -4.26
C VAL B 477 -9.48 19.33 -4.33
N GLU B 478 -10.30 19.24 -3.29
CA GLU B 478 -11.37 18.26 -3.24
C GLU B 478 -12.43 18.49 -4.33
N LYS B 479 -12.53 19.73 -4.82
CA LYS B 479 -13.51 20.02 -5.87
C LYS B 479 -12.89 19.63 -7.18
N MET B 480 -11.58 19.70 -7.24
CA MET B 480 -10.88 19.36 -8.46
C MET B 480 -10.95 17.86 -8.63
N LEU B 481 -10.65 17.14 -7.54
CA LEU B 481 -10.68 15.69 -7.56
C LEU B 481 -12.05 15.16 -8.00
N ILE B 482 -13.10 15.92 -7.71
CA ILE B 482 -14.45 15.55 -8.10
C ILE B 482 -14.59 15.69 -9.60
N TYR B 483 -14.12 16.79 -10.16
CA TYR B 483 -14.23 16.95 -11.61
C TYR B 483 -13.43 15.80 -12.26
N ALA B 484 -12.32 15.42 -11.67
CA ALA B 484 -11.52 14.36 -12.24
C ALA B 484 -12.26 13.02 -12.17
N LYS B 485 -12.92 12.80 -11.04
CA LYS B 485 -13.68 11.57 -10.79
C LYS B 485 -14.55 11.19 -11.97
N HIS B 486 -15.13 12.18 -12.63
CA HIS B 486 -15.99 11.88 -13.77
C HIS B 486 -15.41 12.26 -15.13
N THR B 487 -14.11 12.53 -15.15
CA THR B 487 -13.39 12.87 -16.38
C THR B 487 -12.48 11.69 -16.68
N ARG B 488 -12.58 11.14 -17.89
CA ARG B 488 -11.78 9.97 -18.21
C ARG B 488 -10.30 10.16 -18.43
N GLU B 489 -9.89 11.33 -18.90
CA GLU B 489 -8.46 11.62 -19.11
C GLU B 489 -7.69 11.34 -17.82
N TYR B 490 -8.35 11.51 -16.68
CA TYR B 490 -7.72 11.28 -15.38
C TYR B 490 -7.81 9.83 -14.89
N ALA B 491 -7.12 8.95 -15.59
CA ALA B 491 -7.08 7.54 -15.29
C ALA B 491 -7.10 7.16 -13.81
N GLU B 492 -6.26 7.81 -13.01
CA GLU B 492 -6.18 7.50 -11.59
C GLU B 492 -7.35 7.97 -10.73
N PHE B 493 -8.17 8.88 -11.23
CA PHE B 493 -9.31 9.37 -10.44
C PHE B 493 -10.67 9.00 -11.01
N TYR B 494 -10.73 8.62 -12.28
CA TYR B 494 -12.01 8.31 -12.90
C TYR B 494 -12.83 7.17 -12.30
N SER B 495 -14.10 7.46 -12.03
CA SER B 495 -15.06 6.50 -11.49
C SER B 495 -14.50 5.63 -10.36
N GLN B 496 -15.01 4.40 -10.25
CA GLN B 496 -14.55 3.47 -9.23
C GLN B 496 -13.60 2.46 -9.89
N SER B 497 -13.14 2.83 -11.08
CA SER B 497 -12.26 2.03 -11.90
C SER B 497 -10.94 1.60 -11.29
N ASN B 498 -10.51 0.39 -11.67
CA ASN B 498 -9.24 -0.15 -11.24
C ASN B 498 -8.33 -0.13 -12.49
N GLN B 499 -7.16 -0.75 -12.39
CA GLN B 499 -6.24 -0.72 -13.52
C GLN B 499 -6.64 -1.51 -14.77
N LEU B 500 -7.45 -2.54 -14.60
CA LEU B 500 -7.88 -3.32 -15.76
C LEU B 500 -8.68 -2.45 -16.72
N LEU B 501 -9.33 -1.41 -16.25
CA LEU B 501 -10.07 -0.57 -17.17
C LEU B 501 -9.11 0.26 -18.04
N SER B 502 -8.05 0.78 -17.44
CA SER B 502 -7.04 1.58 -18.17
C SER B 502 -6.36 0.66 -19.19
N TYR B 503 -6.20 -0.61 -18.83
CA TYR B 503 -5.58 -1.59 -19.69
C TYR B 503 -6.42 -1.79 -20.93
N GLY B 504 -7.72 -1.80 -20.74
CA GLY B 504 -8.63 -2.01 -21.83
C GLY B 504 -8.86 -0.80 -22.69
N ASP B 505 -8.67 0.39 -22.13
CA ASP B 505 -8.87 1.59 -22.92
C ASP B 505 -7.79 1.72 -23.99
N VAL B 506 -6.56 1.31 -23.68
CA VAL B 506 -5.50 1.42 -24.68
C VAL B 506 -5.74 0.42 -25.80
N THR B 507 -5.73 -0.86 -25.46
CA THR B 507 -5.94 -1.94 -26.42
C THR B 507 -7.17 -1.74 -27.30
N ARG B 508 -8.17 -1.01 -26.80
CA ARG B 508 -9.40 -0.78 -27.55
C ARG B 508 -9.17 -0.33 -29.00
N PHE B 509 -8.55 0.82 -29.22
CA PHE B 509 -8.36 1.31 -30.59
C PHE B 509 -7.13 0.85 -31.34
N LEU B 510 -6.40 -0.12 -30.79
CA LEU B 510 -5.21 -0.60 -31.46
C LEU B 510 -5.51 -1.39 -32.74
N SER B 511 -5.08 -0.82 -33.86
CA SER B 511 -5.25 -1.43 -35.16
C SER B 511 -4.07 -1.01 -36.03
N ASN B 512 -3.98 -1.56 -37.23
CA ASN B 512 -2.88 -1.25 -38.13
C ASN B 512 -2.84 0.17 -38.65
N ASN B 513 -3.77 1.02 -38.23
CA ASN B 513 -3.73 2.40 -38.70
C ASN B 513 -3.63 3.41 -37.55
N THR B 514 -3.17 2.91 -36.40
CA THR B 514 -3.01 3.75 -35.21
C THR B 514 -1.72 3.41 -34.46
N MET B 515 -1.21 4.38 -33.70
CA MET B 515 -0.01 4.17 -32.90
C MET B 515 -0.18 4.80 -31.53
N VAL B 516 0.26 4.11 -30.50
CA VAL B 516 0.17 4.64 -29.15
C VAL B 516 1.46 5.40 -28.83
N LEU B 517 1.32 6.52 -28.09
CA LEU B 517 2.47 7.36 -27.72
C LEU B 517 2.60 7.57 -26.20
N TYR B 518 3.44 6.78 -25.53
CA TYR B 518 3.62 6.93 -24.10
C TYR B 518 4.79 7.84 -23.72
N THR B 519 4.75 8.42 -22.53
CA THR B 519 5.78 9.36 -22.09
C THR B 519 5.96 9.53 -20.59
N ASP B 520 7.18 9.33 -20.12
CA ASP B 520 7.52 9.48 -18.73
C ASP B 520 7.88 10.96 -18.55
N VAL B 521 7.11 11.68 -17.74
CA VAL B 521 7.38 13.10 -17.53
C VAL B 521 7.79 13.37 -16.11
N SER B 522 8.36 12.39 -15.42
CA SER B 522 8.79 12.60 -14.03
C SER B 522 9.89 13.66 -13.86
N GLN B 523 10.75 13.82 -14.87
CA GLN B 523 11.84 14.79 -14.81
C GLN B 523 11.38 16.19 -15.14
N TRP B 524 10.19 16.33 -15.71
CA TRP B 524 9.68 17.66 -16.06
C TRP B 524 9.01 18.35 -14.86
N ASP B 525 8.26 17.58 -14.06
CA ASP B 525 7.56 18.11 -12.89
C ASP B 525 8.55 18.71 -11.88
N SER B 526 9.77 18.17 -11.87
CA SER B 526 10.82 18.64 -10.97
C SER B 526 11.65 19.75 -11.58
N SER B 527 11.52 19.94 -12.89
CA SER B 527 12.27 20.98 -13.61
C SER B 527 11.91 22.38 -13.16
N GLN B 528 12.87 23.29 -13.28
CA GLN B 528 12.65 24.69 -12.90
C GLN B 528 11.99 25.40 -14.03
N HIS B 529 12.20 24.88 -15.24
CA HIS B 529 11.61 25.47 -16.42
C HIS B 529 10.09 25.38 -16.28
N ASN B 530 9.64 24.42 -15.48
CA ASN B 530 8.22 24.21 -15.28
C ASN B 530 7.56 25.09 -14.21
N THR B 531 8.25 25.32 -13.10
CA THR B 531 7.70 26.08 -11.98
C THR B 531 6.99 27.40 -12.30
N GLN B 532 7.43 28.11 -13.33
CA GLN B 532 6.81 29.37 -13.67
C GLN B 532 5.44 29.18 -14.36
N PRO B 533 5.41 28.51 -15.53
CA PRO B 533 4.16 28.28 -16.26
C PRO B 533 3.11 27.58 -15.40
N PHE B 534 3.58 26.81 -14.43
CA PHE B 534 2.71 26.07 -13.54
C PHE B 534 1.96 27.02 -12.64
N ARG B 535 2.63 27.49 -11.59
CA ARG B 535 2.02 28.40 -10.64
C ARG B 535 1.26 29.49 -11.38
N LYS B 536 1.87 30.08 -12.40
CA LYS B 536 1.22 31.15 -13.14
C LYS B 536 -0.10 30.72 -13.75
N GLY B 537 -0.12 29.53 -14.33
CA GLY B 537 -1.32 29.01 -14.96
C GLY B 537 -2.45 28.84 -13.95
N ILE B 538 -2.11 28.35 -12.77
CA ILE B 538 -3.12 28.15 -11.73
C ILE B 538 -3.68 29.52 -11.32
N ILE B 539 -2.78 30.42 -10.91
CA ILE B 539 -3.15 31.76 -10.48
C ILE B 539 -4.01 32.45 -11.52
N MET B 540 -3.62 32.36 -12.79
CA MET B 540 -4.39 32.97 -13.85
C MET B 540 -5.81 32.44 -13.84
N GLY B 541 -5.96 31.18 -13.44
CA GLY B 541 -7.28 30.56 -13.38
C GLY B 541 -8.07 31.02 -12.17
N LEU B 542 -7.41 31.05 -11.02
CA LEU B 542 -8.04 31.47 -9.79
C LEU B 542 -8.61 32.87 -9.93
N ASP B 543 -8.03 33.67 -10.83
CA ASP B 543 -8.49 35.04 -11.06
C ASP B 543 -9.83 35.00 -11.78
N ILE B 544 -9.87 34.28 -12.90
CA ILE B 544 -11.09 34.14 -13.67
C ILE B 544 -12.22 33.67 -12.75
N LEU B 545 -11.93 32.68 -11.91
CA LEU B 545 -12.92 32.16 -10.98
C LEU B 545 -13.41 33.27 -10.04
N ALA B 546 -12.49 34.07 -9.51
CA ALA B 546 -12.87 35.17 -8.62
C ALA B 546 -13.81 36.15 -9.32
N ASN B 547 -13.66 36.33 -10.64
CA ASN B 547 -14.53 37.23 -11.39
C ASN B 547 -15.82 36.52 -11.78
N MET B 548 -16.21 35.52 -11.01
CA MET B 548 -17.42 34.77 -11.30
C MET B 548 -18.41 34.83 -10.15
N THR B 549 -17.97 35.38 -9.02
CA THR B 549 -18.84 35.50 -7.87
C THR B 549 -18.48 36.72 -7.05
N ASN B 550 -19.28 37.01 -6.04
CA ASN B 550 -19.05 38.16 -5.18
C ASN B 550 -19.10 37.69 -3.74
N ASP B 551 -19.27 36.38 -3.56
CA ASP B 551 -19.36 35.77 -2.24
C ASP B 551 -18.09 36.00 -1.39
N ALA B 552 -18.23 36.72 -0.28
CA ALA B 552 -17.10 37.01 0.60
C ALA B 552 -16.39 35.72 1.02
N LYS B 553 -17.17 34.70 1.34
CA LYS B 553 -16.60 33.41 1.74
C LYS B 553 -15.80 32.80 0.58
N VAL B 554 -16.42 32.71 -0.59
CA VAL B 554 -15.78 32.13 -1.75
C VAL B 554 -14.55 32.88 -2.21
N LEU B 555 -14.63 34.20 -2.30
CA LEU B 555 -13.48 34.98 -2.75
C LEU B 555 -12.27 34.85 -1.81
N GLN B 556 -12.51 34.71 -0.51
CA GLN B 556 -11.38 34.59 0.42
C GLN B 556 -10.67 33.23 0.33
N THR B 557 -11.46 32.17 0.37
CA THR B 557 -10.95 30.80 0.27
C THR B 557 -10.21 30.67 -1.07
N LEU B 558 -10.76 31.33 -2.08
CA LEU B 558 -10.20 31.31 -3.40
C LEU B 558 -9.00 32.23 -3.46
N ASN B 559 -9.01 33.26 -2.62
CA ASN B 559 -7.91 34.23 -2.57
C ASN B 559 -6.71 33.63 -1.87
N LEU B 560 -6.94 33.02 -0.71
CA LEU B 560 -5.87 32.39 0.04
C LEU B 560 -5.16 31.32 -0.80
N TYR B 561 -5.91 30.67 -1.69
CA TYR B 561 -5.33 29.64 -2.53
C TYR B 561 -4.36 30.33 -3.46
N LYS B 562 -4.75 31.51 -3.97
CA LYS B 562 -3.90 32.28 -4.85
C LYS B 562 -2.62 32.69 -4.12
N GLN B 563 -2.71 32.84 -2.81
CA GLN B 563 -1.56 33.24 -2.05
C GLN B 563 -0.52 32.14 -1.88
N THR B 564 -0.95 30.89 -1.83
CA THR B 564 0.00 29.79 -1.66
C THR B 564 0.80 29.64 -2.92
N GLN B 565 0.19 29.95 -4.05
CA GLN B 565 0.91 29.85 -5.31
C GLN B 565 1.93 30.95 -5.49
N ILE B 566 1.63 32.13 -4.94
CA ILE B 566 2.54 33.28 -5.02
C ILE B 566 3.71 33.13 -4.03
N ASN B 567 3.44 32.62 -2.84
CA ASN B 567 4.50 32.42 -1.86
C ASN B 567 5.49 31.35 -2.32
N LEU B 568 5.00 30.37 -3.09
CA LEU B 568 5.84 29.28 -3.57
C LEU B 568 6.63 29.62 -4.84
N MET B 569 6.20 30.65 -5.56
CA MET B 569 6.88 31.10 -6.77
C MET B 569 8.36 31.33 -6.47
N ASP B 570 8.66 31.85 -5.27
CA ASP B 570 10.03 32.09 -4.86
C ASP B 570 10.28 31.54 -3.47
N SER B 571 10.43 30.22 -3.37
CA SER B 571 10.65 29.55 -2.09
C SER B 571 12.12 29.26 -1.80
N TYR B 572 12.41 29.06 -0.52
CA TYR B 572 13.77 28.77 -0.04
C TYR B 572 13.71 27.51 0.82
N VAL B 573 14.76 26.71 0.74
CA VAL B 573 14.78 25.46 1.45
C VAL B 573 15.93 25.22 2.43
N GLN B 574 15.61 24.47 3.49
CA GLN B 574 16.53 24.12 4.56
C GLN B 574 17.11 22.75 4.33
N ILE B 575 18.23 22.71 3.62
CA ILE B 575 18.89 21.46 3.32
C ILE B 575 20.02 21.13 4.27
N PRO B 576 19.89 20.04 5.04
CA PRO B 576 20.97 19.68 5.97
C PRO B 576 22.22 19.39 5.14
N ASP B 577 23.38 19.67 5.70
CA ASP B 577 24.67 19.43 5.04
C ASP B 577 25.63 18.97 6.15
N GLY B 578 25.32 17.83 6.75
CA GLY B 578 26.12 17.26 7.82
C GLY B 578 25.39 17.45 9.15
N ASN B 579 25.73 18.53 9.85
CA ASN B 579 25.07 18.81 11.12
C ASN B 579 24.76 20.29 11.10
N VAL B 580 24.70 20.82 9.89
CA VAL B 580 24.42 22.22 9.62
C VAL B 580 23.21 22.28 8.69
N ILE B 581 22.47 23.38 8.71
CA ILE B 581 21.31 23.49 7.83
C ILE B 581 21.43 24.67 6.89
N LYS B 582 22.08 24.46 5.75
CA LYS B 582 22.23 25.54 4.78
C LYS B 582 20.88 25.92 4.19
N LYS B 583 20.69 27.20 3.90
CA LYS B 583 19.43 27.65 3.35
C LYS B 583 19.69 28.02 1.91
N ILE B 584 19.08 27.30 0.98
CA ILE B 584 19.29 27.61 -0.45
C ILE B 584 17.96 27.91 -1.17
N GLN B 585 18.05 28.76 -2.18
CA GLN B 585 16.87 29.15 -2.94
C GLN B 585 16.46 28.06 -3.91
N TYR B 586 15.31 27.45 -3.65
CA TYR B 586 14.78 26.37 -4.47
C TYR B 586 13.83 26.93 -5.52
N GLY B 587 14.15 26.72 -6.80
CA GLY B 587 13.31 27.24 -7.86
C GLY B 587 12.56 26.18 -8.67
N ALA B 588 12.18 25.11 -8.00
CA ALA B 588 11.47 24.03 -8.66
C ALA B 588 10.23 23.68 -7.85
N VAL B 589 9.30 22.98 -8.51
CA VAL B 589 8.08 22.56 -7.83
C VAL B 589 8.37 21.24 -7.14
N ALA B 590 8.48 21.25 -5.81
CA ALA B 590 8.69 20.00 -5.10
C ALA B 590 7.27 19.54 -4.78
N SER B 591 7.09 18.74 -3.74
CA SER B 591 5.75 18.32 -3.46
C SER B 591 5.50 18.14 -1.98
N GLY B 592 4.33 18.56 -1.54
CA GLY B 592 3.98 18.43 -0.15
C GLY B 592 2.65 19.11 0.00
N GLU B 593 2.27 19.85 -1.03
CA GLU B 593 0.99 20.55 -1.03
C GLU B 593 -0.20 19.59 -1.09
N LYS B 594 -1.39 20.13 -0.93
CA LYS B 594 -2.60 19.36 -1.01
C LYS B 594 -2.87 19.15 -2.50
N GLN B 595 -2.47 20.11 -3.32
CA GLN B 595 -2.69 20.01 -4.76
C GLN B 595 -1.65 19.24 -5.54
N THR B 596 -0.65 18.67 -4.85
CA THR B 596 0.40 17.92 -5.54
C THR B 596 -0.13 17.02 -6.66
N LYS B 597 -0.80 15.92 -6.28
CA LYS B 597 -1.33 14.98 -7.29
C LYS B 597 -2.30 15.60 -8.28
N ALA B 598 -3.31 16.30 -7.77
CA ALA B 598 -4.26 16.88 -8.69
C ALA B 598 -3.58 17.79 -9.70
N ALA B 599 -2.81 18.78 -9.21
CA ALA B 599 -2.12 19.77 -10.04
C ALA B 599 -1.14 19.11 -11.01
N ASN B 600 -0.40 18.14 -10.51
CA ASN B 600 0.52 17.44 -11.36
C ASN B 600 -0.29 16.80 -12.52
N SER B 601 -1.43 16.20 -12.20
CA SER B 601 -2.24 15.57 -13.23
C SER B 601 -2.74 16.60 -14.22
N ILE B 602 -3.23 17.71 -13.71
CA ILE B 602 -3.70 18.78 -14.59
C ILE B 602 -2.53 19.21 -15.52
N ALA B 603 -1.35 19.41 -14.94
CA ALA B 603 -0.17 19.81 -15.69
C ALA B 603 0.27 18.77 -16.74
N ASN B 604 0.51 17.53 -16.31
CA ASN B 604 0.94 16.48 -17.24
C ASN B 604 -0.01 16.36 -18.43
N LEU B 605 -1.30 16.59 -18.17
CA LEU B 605 -2.31 16.54 -19.22
C LEU B 605 -2.18 17.75 -20.13
N ALA B 606 -2.06 18.94 -19.57
CA ALA B 606 -1.90 20.16 -20.37
C ALA B 606 -0.66 20.00 -21.28
N LEU B 607 0.35 19.31 -20.75
CA LEU B 607 1.56 19.07 -21.48
C LEU B 607 1.27 18.27 -22.75
N ILE B 608 0.85 17.01 -22.59
CA ILE B 608 0.58 16.18 -23.75
C ILE B 608 -0.35 16.85 -24.74
N LYS B 609 -1.31 17.64 -24.25
CA LYS B 609 -2.21 18.32 -25.14
C LYS B 609 -1.42 19.30 -26.01
N THR B 610 -0.41 19.93 -25.41
CA THR B 610 0.43 20.90 -26.09
C THR B 610 1.31 20.24 -27.13
N VAL B 611 1.91 19.11 -26.77
CA VAL B 611 2.76 18.39 -27.69
C VAL B 611 1.96 17.93 -28.92
N LEU B 612 0.88 17.21 -28.69
CA LEU B 612 0.02 16.70 -29.76
C LEU B 612 -0.48 17.81 -30.68
N SER B 613 -0.95 18.88 -30.09
CA SER B 613 -1.42 20.00 -30.89
C SER B 613 -0.31 20.47 -31.84
N ARG B 614 0.91 20.59 -31.32
CA ARG B 614 2.03 21.05 -32.13
C ARG B 614 2.35 20.14 -33.31
N ILE B 615 2.55 18.86 -33.04
CA ILE B 615 2.88 17.92 -34.08
C ILE B 615 1.81 17.75 -35.15
N SER B 616 0.60 18.20 -34.87
CA SER B 616 -0.47 18.05 -35.84
C SER B 616 -0.18 18.81 -37.13
N ASN B 617 0.40 20.01 -37.01
CA ASN B 617 0.75 20.85 -38.16
C ASN B 617 1.46 20.07 -39.27
N LYS B 618 2.18 19.02 -38.89
CA LYS B 618 2.88 18.20 -39.86
C LYS B 618 1.99 17.03 -40.28
N HIS B 619 1.75 16.11 -39.36
CA HIS B 619 0.93 14.94 -39.64
C HIS B 619 -0.51 15.09 -39.18
N SER B 620 -1.40 14.37 -39.87
CA SER B 620 -2.83 14.37 -39.54
C SER B 620 -3.19 13.03 -38.92
N PHE B 621 -3.74 13.09 -37.72
CA PHE B 621 -4.13 11.90 -36.98
C PHE B 621 -5.44 12.16 -36.24
N ALA B 622 -5.93 11.16 -35.55
CA ALA B 622 -7.16 11.30 -34.80
C ALA B 622 -6.84 10.96 -33.36
N THR B 623 -7.47 11.69 -32.44
CA THR B 623 -7.24 11.46 -31.02
C THR B 623 -8.29 10.52 -30.39
N LYS B 624 -8.00 9.23 -30.47
CA LYS B 624 -8.90 8.23 -29.94
C LYS B 624 -8.94 8.38 -28.42
N ILE B 625 -7.79 8.52 -27.78
CA ILE B 625 -7.78 8.73 -26.33
C ILE B 625 -6.54 9.49 -25.87
N ILE B 626 -6.69 10.28 -24.80
CA ILE B 626 -5.57 10.98 -24.19
C ILE B 626 -5.67 10.64 -22.71
N ARG B 627 -4.53 10.35 -22.08
CA ARG B 627 -4.54 9.97 -20.67
C ARG B 627 -3.35 10.45 -19.85
N VAL B 628 -3.60 10.83 -18.60
CA VAL B 628 -2.55 11.22 -17.66
C VAL B 628 -2.75 10.29 -16.46
N ASP B 629 -1.68 9.67 -15.97
CA ASP B 629 -1.82 8.77 -14.84
C ASP B 629 -0.53 8.77 -14.02
N GLY B 630 -0.50 9.59 -12.99
CA GLY B 630 0.70 9.66 -12.18
C GLY B 630 1.72 10.46 -12.95
N ASP B 631 2.95 9.93 -13.02
CA ASP B 631 4.09 10.57 -13.71
C ASP B 631 4.25 10.23 -15.20
N ASP B 632 3.19 9.74 -15.81
CA ASP B 632 3.21 9.38 -17.22
C ASP B 632 1.99 9.95 -17.89
N ASN B 633 2.02 10.03 -19.22
CA ASN B 633 0.87 10.50 -19.97
C ASN B 633 0.95 9.73 -21.27
N TYR B 634 -0.17 9.48 -21.93
CA TYR B 634 -0.12 8.76 -23.20
C TYR B 634 -1.29 9.04 -24.10
N ALA B 635 -1.17 8.65 -25.36
CA ALA B 635 -2.25 8.88 -26.31
C ALA B 635 -2.26 7.81 -27.39
N VAL B 636 -3.41 7.67 -28.04
CA VAL B 636 -3.60 6.71 -29.12
C VAL B 636 -4.02 7.52 -30.35
N LEU B 637 -3.21 7.51 -31.39
CA LEU B 637 -3.53 8.30 -32.58
C LEU B 637 -3.93 7.44 -33.79
N GLN B 638 -4.83 7.99 -34.61
CA GLN B 638 -5.32 7.28 -35.77
C GLN B 638 -4.97 8.05 -37.02
N PHE B 639 -4.43 7.33 -38.01
CA PHE B 639 -4.05 7.94 -39.27
C PHE B 639 -4.97 7.47 -40.40
N ASN B 640 -5.09 8.27 -41.45
CA ASN B 640 -5.94 7.91 -42.58
C ASN B 640 -5.29 6.88 -43.51
N THR B 641 -4.10 6.43 -43.15
CA THR B 641 -3.34 5.45 -43.92
C THR B 641 -2.73 4.41 -42.97
N GLU B 642 -2.12 3.38 -43.54
CA GLU B 642 -1.48 2.34 -42.75
C GLU B 642 -0.14 2.82 -42.21
N VAL B 643 0.12 2.55 -40.94
CA VAL B 643 1.35 2.97 -40.29
C VAL B 643 2.58 2.20 -40.76
N THR B 644 3.66 2.93 -41.05
CA THR B 644 4.90 2.28 -41.49
C THR B 644 6.05 2.63 -40.54
N LYS B 645 7.08 1.78 -40.53
CA LYS B 645 8.27 1.98 -39.70
C LYS B 645 8.81 3.38 -39.88
N GLN B 646 8.54 3.97 -41.04
CA GLN B 646 9.02 5.30 -41.33
C GLN B 646 8.08 6.35 -40.77
N MET B 647 6.82 6.00 -40.60
CA MET B 647 5.84 6.95 -40.06
C MET B 647 6.06 7.07 -38.57
N ILE B 648 6.35 5.95 -37.92
CA ILE B 648 6.58 5.97 -36.49
C ILE B 648 7.77 6.88 -36.21
N GLN B 649 8.90 6.61 -36.87
CA GLN B 649 10.11 7.42 -36.69
C GLN B 649 9.80 8.91 -36.78
N ASP B 650 9.13 9.31 -37.86
CA ASP B 650 8.78 10.72 -38.09
C ASP B 650 7.92 11.35 -37.00
N VAL B 651 6.97 10.58 -36.47
CA VAL B 651 6.10 11.08 -35.41
C VAL B 651 6.95 11.19 -34.16
N SER B 652 7.66 10.12 -33.83
CA SER B 652 8.55 10.08 -32.66
C SER B 652 9.52 11.26 -32.59
N ASN B 653 10.29 11.47 -33.66
CA ASN B 653 11.25 12.56 -33.69
C ASN B 653 10.57 13.88 -33.39
N ASP B 654 9.53 14.21 -34.15
CA ASP B 654 8.83 15.47 -33.95
C ASP B 654 8.26 15.65 -32.54
N VAL B 655 8.02 14.53 -31.85
CA VAL B 655 7.49 14.58 -30.50
C VAL B 655 8.61 14.94 -29.52
N ARG B 656 9.69 14.17 -29.55
CA ARG B 656 10.83 14.43 -28.68
C ARG B 656 11.35 15.84 -29.00
N GLU B 657 11.39 16.17 -30.28
CA GLU B 657 11.85 17.49 -30.68
C GLU B 657 10.94 18.55 -30.03
N THR B 658 9.63 18.32 -30.01
CA THR B 658 8.70 19.28 -29.41
C THR B 658 8.98 19.41 -27.92
N TYR B 659 9.20 18.27 -27.26
CA TYR B 659 9.47 18.24 -25.84
C TYR B 659 10.80 18.95 -25.58
N ALA B 660 11.70 18.87 -26.55
CA ALA B 660 13.04 19.46 -26.44
C ALA B 660 13.01 20.97 -26.46
N ARG B 661 12.16 21.53 -27.31
CA ARG B 661 12.06 22.96 -27.43
C ARG B 661 11.41 23.54 -26.18
N MET B 662 11.03 22.67 -25.25
CA MET B 662 10.42 23.10 -24.01
C MET B 662 11.37 22.85 -22.86
N ASN B 663 12.54 22.32 -23.20
CA ASN B 663 13.57 22.02 -22.21
C ASN B 663 13.08 21.03 -21.17
N ALA B 664 12.39 20.00 -21.64
CA ALA B 664 11.90 18.97 -20.74
C ALA B 664 12.65 17.67 -21.02
N LYS B 665 13.42 17.21 -20.03
CA LYS B 665 14.15 15.96 -20.20
C LYS B 665 13.16 14.85 -19.92
N VAL B 666 12.58 14.31 -20.98
CA VAL B 666 11.59 13.25 -20.86
C VAL B 666 11.80 12.10 -21.83
N LYS B 667 11.38 10.90 -21.42
CA LYS B 667 11.48 9.72 -22.28
C LYS B 667 10.18 9.65 -23.09
N ALA B 668 10.30 9.68 -24.42
CA ALA B 668 9.12 9.63 -25.26
C ALA B 668 9.26 8.58 -26.35
N LEU B 669 8.47 7.51 -26.27
CA LEU B 669 8.49 6.41 -27.26
C LEU B 669 7.17 6.30 -28.07
N VAL B 670 7.20 5.62 -29.22
CA VAL B 670 5.99 5.47 -30.02
C VAL B 670 5.82 4.06 -30.58
N SER B 671 4.69 3.41 -30.31
CA SER B 671 4.50 2.06 -30.84
C SER B 671 3.05 1.80 -31.23
N THR B 672 2.78 0.59 -31.69
CA THR B 672 1.42 0.22 -32.08
C THR B 672 0.94 -1.00 -31.32
N VAL B 673 1.59 -1.38 -30.25
CA VAL B 673 1.13 -2.54 -29.54
C VAL B 673 1.24 -2.51 -28.01
N GLY B 674 2.21 -1.77 -27.49
CA GLY B 674 2.34 -1.73 -26.05
C GLY B 674 2.62 -0.36 -25.47
N ILE B 675 2.70 -0.30 -24.14
CA ILE B 675 3.05 0.95 -23.47
C ILE B 675 3.58 0.50 -22.15
N GLU B 676 4.41 1.35 -21.55
CA GLU B 676 5.03 1.06 -20.27
C GLU B 676 5.05 2.34 -19.44
N ILE B 677 4.41 2.32 -18.28
CA ILE B 677 4.42 3.47 -17.41
C ILE B 677 4.73 2.98 -16.01
N ALA B 678 4.99 3.90 -15.10
CA ALA B 678 5.32 3.51 -13.73
C ALA B 678 4.34 2.51 -13.07
N LYS B 679 3.03 2.71 -13.23
CA LYS B 679 2.12 1.80 -12.57
C LYS B 679 1.90 0.48 -13.31
N ARG B 680 1.82 0.52 -14.64
CA ARG B 680 1.54 -0.71 -15.36
C ARG B 680 2.25 -0.81 -16.72
N TYR B 681 2.24 -1.98 -17.34
CA TYR B 681 2.82 -2.09 -18.67
C TYR B 681 2.13 -3.20 -19.45
N ILE B 682 1.80 -2.87 -20.68
CA ILE B 682 1.09 -3.77 -21.59
C ILE B 682 1.93 -4.35 -22.73
N ALA B 683 2.27 -5.62 -22.64
CA ALA B 683 3.06 -6.27 -23.68
C ALA B 683 2.22 -7.34 -24.35
N GLY B 684 2.31 -7.43 -25.68
CA GLY B 684 1.57 -8.46 -26.38
C GLY B 684 0.10 -8.60 -26.02
N GLY B 685 -0.59 -7.46 -25.86
CA GLY B 685 -1.99 -7.45 -25.51
C GLY B 685 -2.29 -7.86 -24.08
N LYS B 686 -1.28 -8.17 -23.28
CA LYS B 686 -1.51 -8.58 -21.88
C LYS B 686 -1.11 -7.44 -20.95
N ILE B 687 -1.49 -7.56 -19.68
CA ILE B 687 -1.22 -6.55 -18.67
C ILE B 687 -0.23 -7.06 -17.62
N PHE B 688 0.72 -6.21 -17.23
CA PHE B 688 1.70 -6.59 -16.23
C PHE B 688 1.90 -5.48 -15.18
N PHE B 689 2.22 -5.89 -13.95
CA PHE B 689 2.45 -4.94 -12.87
C PHE B 689 3.76 -5.30 -12.20
N ARG B 690 4.72 -4.38 -12.26
CA ARG B 690 6.02 -4.61 -11.64
C ARG B 690 5.89 -5.23 -10.26
N ALA B 691 6.58 -6.32 -9.99
CA ALA B 691 6.48 -6.92 -8.67
C ALA B 691 7.70 -6.55 -7.83
N GLY B 692 7.92 -5.26 -7.66
CA GLY B 692 9.09 -4.87 -6.90
C GLY B 692 8.98 -4.24 -5.52
N ILE B 693 8.13 -4.75 -4.63
CA ILE B 693 8.01 -4.18 -3.30
C ILE B 693 9.07 -4.89 -2.49
N ASN B 694 9.99 -4.12 -1.90
CA ASN B 694 11.06 -4.68 -1.06
C ASN B 694 10.48 -5.30 0.20
N LEU B 695 11.15 -6.31 0.72
CA LEU B 695 10.68 -7.02 1.88
C LEU B 695 11.49 -6.77 3.13
N LEU B 696 12.80 -6.93 3.01
CA LEU B 696 13.70 -6.78 4.14
C LEU B 696 14.34 -5.39 4.33
N ASN B 697 13.89 -4.41 3.55
CA ASN B 697 14.36 -3.03 3.65
C ASN B 697 13.17 -2.14 3.41
N ASN B 698 12.98 -1.13 4.26
CA ASN B 698 11.88 -0.16 4.11
C ASN B 698 12.38 1.26 3.69
N GLU B 699 11.51 2.05 3.08
CA GLU B 699 11.86 3.41 2.69
C GLU B 699 12.25 4.25 3.92
N LYS B 700 11.34 4.30 4.90
CA LYS B 700 11.56 5.07 6.13
C LYS B 700 10.98 4.36 7.33
N ARG B 701 11.27 4.89 8.51
CA ARG B 701 10.79 4.32 9.76
C ARG B 701 9.52 5.03 10.16
N GLY B 702 8.49 4.27 10.50
CA GLY B 702 7.24 4.87 10.91
C GLY B 702 7.06 4.77 12.41
N GLN B 703 5.89 4.36 12.84
CA GLN B 703 5.57 4.22 14.25
C GLN B 703 4.75 2.95 14.50
N SER B 704 4.68 2.09 13.49
CA SER B 704 3.94 0.85 13.64
C SER B 704 4.73 -0.10 14.54
N THR B 705 4.12 -1.20 14.95
CA THR B 705 4.81 -2.16 15.81
C THR B 705 5.42 -3.26 14.98
N GLN B 706 6.07 -4.22 15.64
CA GLN B 706 6.67 -5.34 14.92
C GLN B 706 5.52 -6.15 14.33
N TRP B 707 4.52 -6.44 15.16
CA TRP B 707 3.37 -7.18 14.69
C TRP B 707 2.81 -6.50 13.44
N ASP B 708 2.65 -5.19 13.51
CA ASP B 708 2.15 -4.46 12.36
C ASP B 708 3.05 -4.67 11.17
N GLN B 709 4.35 -4.76 11.43
CA GLN B 709 5.30 -4.96 10.35
C GLN B 709 5.27 -6.39 9.80
N ALA B 710 5.06 -7.38 10.67
CA ALA B 710 4.93 -8.78 10.26
C ALA B 710 3.81 -8.84 9.22
N ALA B 711 2.66 -8.26 9.56
CA ALA B 711 1.52 -8.23 8.65
C ALA B 711 1.84 -7.53 7.33
N ILE B 712 2.57 -6.43 7.39
CA ILE B 712 2.91 -5.68 6.17
C ILE B 712 3.85 -6.50 5.30
N LEU B 713 4.77 -7.23 5.91
CA LEU B 713 5.66 -8.09 5.16
C LEU B 713 4.77 -9.07 4.38
N TYR B 714 3.91 -9.83 5.09
CA TYR B 714 3.01 -10.79 4.45
C TYR B 714 2.15 -10.11 3.37
N SER B 715 1.65 -8.93 3.66
CA SER B 715 0.85 -8.22 2.69
C SER B 715 1.71 -7.96 1.45
N ASN B 716 2.98 -7.63 1.68
CA ASN B 716 3.89 -7.35 0.60
C ASN B 716 4.18 -8.63 -0.17
N TYR B 717 4.24 -9.72 0.57
CA TYR B 717 4.45 -11.05 0.02
C TYR B 717 3.32 -11.31 -0.98
N ILE B 718 2.07 -11.20 -0.51
CA ILE B 718 0.88 -11.41 -1.33
C ILE B 718 0.90 -10.57 -2.62
N VAL B 719 1.01 -9.25 -2.49
CA VAL B 719 1.00 -8.45 -3.70
C VAL B 719 2.08 -8.86 -4.70
N ASN B 720 3.33 -9.07 -4.25
CA ASN B 720 4.40 -9.47 -5.17
C ASN B 720 3.98 -10.75 -5.86
N ARG B 721 3.65 -11.75 -5.04
CA ARG B 721 3.23 -13.06 -5.50
C ARG B 721 2.19 -12.99 -6.60
N LEU B 722 1.20 -12.11 -6.45
CA LEU B 722 0.18 -11.96 -7.48
C LEU B 722 0.76 -11.29 -8.71
N ARG B 723 1.70 -10.38 -8.45
CA ARG B 723 2.35 -9.62 -9.50
C ARG B 723 3.45 -10.39 -10.25
N GLY B 724 3.87 -11.54 -9.73
CA GLY B 724 4.88 -12.34 -10.43
C GLY B 724 6.18 -12.72 -9.74
N PHE B 725 6.49 -12.09 -8.61
CA PHE B 725 7.72 -12.33 -7.89
C PHE B 725 7.25 -13.08 -6.67
N GLU B 726 7.69 -14.32 -6.50
CA GLU B 726 7.30 -15.09 -5.34
C GLU B 726 8.48 -15.35 -4.42
N THR B 727 8.29 -15.16 -3.13
CA THR B 727 9.36 -15.40 -2.18
C THR B 727 8.85 -16.61 -1.45
N ASP B 728 9.72 -17.59 -1.21
CA ASP B 728 9.33 -18.83 -0.53
C ASP B 728 8.49 -18.55 0.72
N ARG B 729 7.26 -19.09 0.74
CA ARG B 729 6.34 -18.91 1.87
C ARG B 729 6.88 -19.43 3.20
N GLU B 730 7.86 -20.31 3.17
CA GLU B 730 8.39 -20.82 4.43
C GLU B 730 9.29 -19.76 5.00
N PHE B 731 9.85 -18.94 4.13
CA PHE B 731 10.71 -17.90 4.63
C PHE B 731 9.84 -16.85 5.30
N ILE B 732 8.76 -16.45 4.64
CA ILE B 732 7.86 -15.44 5.20
C ILE B 732 7.33 -15.93 6.55
N LEU B 733 6.90 -17.18 6.59
CA LEU B 733 6.38 -17.70 7.84
C LEU B 733 7.44 -17.61 8.92
N THR B 734 8.69 -17.94 8.56
CA THR B 734 9.79 -17.89 9.52
C THR B 734 9.90 -16.50 10.09
N LYS B 735 9.92 -15.50 9.19
CA LYS B 735 10.03 -14.11 9.60
C LYS B 735 8.92 -13.72 10.57
N ILE B 736 7.69 -14.11 10.25
CA ILE B 736 6.56 -13.80 11.13
C ILE B 736 6.72 -14.45 12.52
N MET B 737 7.48 -15.54 12.62
CA MET B 737 7.68 -16.18 13.93
C MET B 737 8.61 -15.31 14.73
N GLN B 738 9.63 -14.78 14.07
CA GLN B 738 10.60 -13.94 14.75
C GLN B 738 9.97 -12.62 15.19
N MET B 739 9.41 -11.91 14.22
CA MET B 739 8.78 -10.62 14.49
C MET B 739 7.61 -10.62 15.47
N THR B 740 6.87 -11.72 15.58
CA THR B 740 5.73 -11.73 16.47
C THR B 740 6.02 -12.24 17.86
N SER B 741 7.22 -12.73 18.09
CA SER B 741 7.55 -13.26 19.43
C SER B 741 7.66 -12.17 20.47
N VAL B 742 7.51 -12.55 21.73
CA VAL B 742 7.60 -11.59 22.84
C VAL B 742 8.44 -12.15 23.97
N ALA B 743 9.45 -11.38 24.35
CA ALA B 743 10.36 -11.79 25.42
C ALA B 743 9.72 -11.54 26.76
N ILE B 744 9.83 -12.50 27.65
CA ILE B 744 9.27 -12.34 28.99
C ILE B 744 10.43 -11.85 29.84
N THR B 745 11.57 -12.49 29.64
CA THR B 745 12.79 -12.14 30.34
C THR B 745 13.91 -12.14 29.31
N GLY B 746 15.05 -12.69 29.68
CA GLY B 746 16.17 -12.72 28.76
C GLY B 746 16.38 -14.10 28.19
N SER B 747 15.78 -15.09 28.85
CA SER B 747 15.92 -16.48 28.40
C SER B 747 14.56 -17.08 28.13
N LEU B 748 13.52 -16.27 28.32
CA LEU B 748 12.15 -16.70 28.15
C LEU B 748 11.46 -15.93 27.02
N ARG B 749 11.30 -16.60 25.88
CA ARG B 749 10.69 -15.99 24.70
C ARG B 749 9.39 -16.70 24.34
N LEU B 750 8.34 -15.92 24.10
CA LEU B 750 7.02 -16.46 23.77
C LEU B 750 6.67 -16.32 22.30
N PHE B 751 6.26 -17.42 21.66
CA PHE B 751 5.91 -17.43 20.26
C PHE B 751 4.43 -17.75 20.04
N PRO B 752 3.67 -16.82 19.43
CA PRO B 752 2.24 -17.01 19.17
C PRO B 752 1.94 -18.14 18.17
N SER B 753 0.82 -18.84 18.39
CA SER B 753 0.42 -19.96 17.54
C SER B 753 -0.33 -19.55 16.28
N GLU B 754 -0.46 -20.50 15.35
CA GLU B 754 -1.19 -20.24 14.09
C GLU B 754 -2.60 -19.73 14.35
N ARG B 755 -3.28 -20.32 15.34
CA ARG B 755 -4.63 -19.93 15.68
C ARG B 755 -4.69 -18.50 16.15
N VAL B 756 -3.65 -18.06 16.87
CA VAL B 756 -3.60 -16.70 17.38
C VAL B 756 -3.33 -15.69 16.28
N LEU B 757 -2.45 -16.04 15.34
CA LEU B 757 -2.08 -15.13 14.26
C LEU B 757 -2.92 -15.11 13.00
N THR B 758 -3.77 -16.12 12.79
CA THR B 758 -4.57 -16.14 11.58
C THR B 758 -6.07 -15.99 11.76
N THR B 759 -6.56 -16.21 12.97
CA THR B 759 -8.00 -16.09 13.23
C THR B 759 -8.44 -14.63 13.00
N ASN B 760 -9.63 -14.41 12.47
CA ASN B 760 -10.05 -13.03 12.22
C ASN B 760 -10.31 -12.31 13.53
N SER B 761 -9.25 -11.74 14.10
CA SER B 761 -9.32 -11.01 15.37
C SER B 761 -8.58 -9.68 15.25
N THR B 762 -8.39 -9.01 16.38
CA THR B 762 -7.71 -7.73 16.42
C THR B 762 -6.17 -7.91 16.39
N PHE B 763 -5.75 -9.16 16.46
CA PHE B 763 -4.34 -9.52 16.44
C PHE B 763 -3.99 -10.40 15.22
N LYS B 764 -4.82 -10.39 14.20
CA LYS B 764 -4.55 -11.19 13.02
C LYS B 764 -3.38 -10.62 12.23
N VAL B 765 -2.50 -11.50 11.75
CA VAL B 765 -1.35 -11.08 10.96
C VAL B 765 -1.40 -11.60 9.52
N PHE B 766 -1.91 -12.82 9.33
CA PHE B 766 -2.02 -13.39 7.97
C PHE B 766 -3.05 -14.54 7.88
N ASP B 767 -3.40 -14.92 6.65
CA ASP B 767 -4.38 -15.99 6.40
C ASP B 767 -3.67 -17.34 6.38
N SER B 768 -4.18 -18.30 7.16
CA SER B 768 -3.59 -19.64 7.21
C SER B 768 -3.28 -20.20 5.84
N GLU B 769 -4.09 -19.81 4.85
CA GLU B 769 -3.94 -20.26 3.48
C GLU B 769 -3.98 -19.02 2.61
N ASP B 770 -3.00 -18.88 1.72
CA ASP B 770 -2.96 -17.70 0.88
C ASP B 770 -4.19 -17.55 -0.01
N PHE B 771 -4.68 -16.32 -0.06
CA PHE B 771 -5.81 -15.95 -0.89
C PHE B 771 -7.16 -16.42 -0.33
N ILE B 772 -7.16 -16.89 0.91
CA ILE B 772 -8.39 -17.37 1.50
C ILE B 772 -8.56 -16.88 2.93
N ILE B 773 -9.55 -16.03 3.16
CA ILE B 773 -9.81 -15.49 4.51
C ILE B 773 -10.84 -16.34 5.25
N GLU B 774 -10.40 -17.04 6.29
CA GLU B 774 -11.30 -17.88 7.10
C GLU B 774 -11.95 -17.08 8.23
N TYR B 775 -13.07 -17.59 8.73
CA TYR B 775 -13.78 -16.98 9.85
C TYR B 775 -14.13 -18.13 10.82
N GLY B 776 -14.02 -17.88 12.12
CA GLY B 776 -14.30 -18.93 13.09
C GLY B 776 -15.52 -19.81 12.83
N THR B 777 -15.31 -21.12 12.81
CA THR B 777 -16.41 -22.07 12.63
C THR B 777 -16.38 -23.16 13.69
N THR B 778 -15.66 -22.89 14.79
CA THR B 778 -15.57 -23.84 15.91
C THR B 778 -15.65 -23.04 17.20
N VAL B 779 -16.12 -23.67 18.26
CA VAL B 779 -16.26 -22.99 19.52
C VAL B 779 -14.95 -22.44 20.05
N ASP B 780 -13.88 -23.23 20.01
CA ASP B 780 -12.60 -22.72 20.48
C ASP B 780 -12.21 -21.46 19.72
N GLU B 781 -12.33 -21.51 18.38
CA GLU B 781 -11.99 -20.35 17.56
C GLU B 781 -12.80 -19.15 17.97
N VAL B 782 -14.08 -19.37 18.26
CA VAL B 782 -14.94 -18.28 18.69
C VAL B 782 -14.43 -17.79 20.05
N TYR B 783 -14.15 -18.74 20.93
CA TYR B 783 -13.67 -18.45 22.28
C TYR B 783 -12.56 -17.42 22.21
N ILE B 784 -11.47 -17.80 21.57
CA ILE B 784 -10.31 -16.94 21.41
C ILE B 784 -10.69 -15.64 20.72
N GLN B 785 -11.49 -15.74 19.66
CA GLN B 785 -11.90 -14.55 18.93
C GLN B 785 -12.49 -13.48 19.86
N ARG B 786 -13.36 -13.90 20.77
CA ARG B 786 -13.98 -12.96 21.70
C ARG B 786 -12.99 -12.45 22.74
N ALA B 787 -12.07 -13.32 23.16
CA ALA B 787 -11.06 -12.95 24.13
C ALA B 787 -10.19 -11.81 23.64
N PHE B 788 -9.56 -11.97 22.49
CA PHE B 788 -8.70 -10.94 21.95
C PHE B 788 -9.32 -9.56 21.88
N MET B 789 -10.58 -9.50 21.47
CA MET B 789 -11.28 -8.23 21.38
C MET B 789 -11.36 -7.53 22.75
N SER B 790 -11.51 -8.32 23.80
CA SER B 790 -11.62 -7.83 25.17
C SER B 790 -10.51 -6.85 25.50
N LEU B 791 -9.37 -7.04 24.87
CA LEU B 791 -8.21 -6.18 25.07
C LEU B 791 -7.70 -5.63 23.74
N SER B 792 -8.60 -5.02 22.98
CA SER B 792 -8.26 -4.44 21.67
C SER B 792 -7.65 -3.05 21.84
N SER B 793 -8.42 -2.14 22.44
CA SER B 793 -7.95 -0.77 22.66
C SER B 793 -7.40 -0.58 24.08
N GLN B 794 -6.18 -0.05 24.17
CA GLN B 794 -5.55 0.18 25.45
C GLN B 794 -5.47 1.66 25.78
N LYS B 795 -5.38 1.96 27.07
CA LYS B 795 -5.33 3.33 27.56
C LYS B 795 -3.95 3.99 27.50
N SER B 796 -3.96 5.32 27.59
CA SER B 796 -2.74 6.12 27.55
C SER B 796 -2.87 7.33 28.47
N GLY B 797 -2.17 7.30 29.60
CA GLY B 797 -2.22 8.41 30.55
C GLY B 797 -2.01 9.75 29.88
N ILE B 798 -0.87 9.87 29.20
CA ILE B 798 -0.53 11.10 28.52
C ILE B 798 -1.66 11.59 27.60
N ALA B 799 -2.34 10.63 26.97
CA ALA B 799 -3.44 10.94 26.06
C ALA B 799 -4.67 11.47 26.78
N ASP B 800 -4.92 10.97 27.99
CA ASP B 800 -6.08 11.41 28.77
C ASP B 800 -5.85 12.83 29.27
N GLU B 801 -4.66 13.06 29.82
CA GLU B 801 -4.28 14.37 30.35
C GLU B 801 -4.60 15.44 29.32
N ILE B 802 -4.05 15.25 28.12
CA ILE B 802 -4.22 16.19 27.01
C ILE B 802 -5.64 16.18 26.46
N ALA B 803 -6.35 15.08 26.64
CA ALA B 803 -7.72 14.97 26.17
C ALA B 803 -8.63 15.72 27.15
N ALA B 804 -8.05 16.09 28.29
CA ALA B 804 -8.75 16.82 29.34
C ALA B 804 -8.36 18.30 29.35
N SER B 805 -7.17 18.61 28.84
CA SER B 805 -6.69 20.00 28.80
C SER B 805 -7.69 20.93 28.14
N SER B 806 -7.67 22.19 28.58
CA SER B 806 -8.57 23.20 28.04
C SER B 806 -8.37 23.34 26.56
N THR B 807 -7.18 23.80 26.19
CA THR B 807 -6.85 24.01 24.78
C THR B 807 -7.46 22.94 23.89
N PHE B 808 -7.57 21.72 24.42
CA PHE B 808 -8.13 20.59 23.68
C PHE B 808 -9.65 20.65 23.55
N LYS B 809 -10.32 20.61 24.70
CA LYS B 809 -11.78 20.64 24.75
C LYS B 809 -12.34 21.85 24.02
N ASN B 810 -11.63 22.95 24.07
CA ASN B 810 -12.07 24.16 23.40
C ASN B 810 -11.98 23.95 21.89
N TYR B 811 -10.95 23.22 21.46
CA TYR B 811 -10.75 22.94 20.04
C TYR B 811 -11.94 22.16 19.52
N VAL B 812 -12.21 21.02 20.18
CA VAL B 812 -13.34 20.17 19.82
C VAL B 812 -14.63 20.99 19.81
N THR B 813 -14.90 21.66 20.94
CA THR B 813 -16.07 22.51 21.10
C THR B 813 -16.15 23.54 19.99
N ARG B 814 -15.04 24.22 19.74
CA ARG B 814 -15.04 25.24 18.70
C ARG B 814 -15.34 24.63 17.35
N LEU B 815 -14.86 23.41 17.11
CA LEU B 815 -15.12 22.78 15.83
C LEU B 815 -16.61 22.43 15.72
N SER B 816 -17.18 21.91 16.81
CA SER B 816 -18.59 21.53 16.85
C SER B 816 -19.53 22.72 16.59
N GLU B 817 -19.37 23.78 17.38
CA GLU B 817 -20.20 24.96 17.27
C GLU B 817 -20.20 25.62 15.90
N GLN B 818 -19.18 25.33 15.10
CA GLN B 818 -19.06 25.89 13.76
C GLN B 818 -19.77 25.02 12.73
N LEU B 819 -19.73 23.72 13.00
CA LEU B 819 -20.33 22.74 12.12
C LEU B 819 -21.85 22.72 12.21
N LEU B 820 -22.36 22.06 13.23
CA LEU B 820 -23.80 21.93 13.41
C LEU B 820 -24.55 23.12 14.02
N PHE B 821 -25.89 23.07 13.90
CA PHE B 821 -26.77 24.11 14.40
C PHE B 821 -27.45 23.62 15.69
N SER B 822 -28.37 22.66 15.56
CA SER B 822 -29.08 22.11 16.72
C SER B 822 -28.12 21.31 17.59
N LYS B 823 -28.58 20.24 18.21
CA LYS B 823 -27.69 19.47 19.07
C LYS B 823 -26.81 18.48 18.31
N ASN B 824 -25.83 17.94 19.02
CA ASN B 824 -24.85 17.04 18.45
C ASN B 824 -24.93 15.60 18.93
N ASN B 825 -23.99 15.26 19.80
CA ASN B 825 -23.84 13.94 20.40
C ASN B 825 -23.30 12.89 19.46
N ILE B 826 -24.12 12.37 18.55
CA ILE B 826 -23.61 11.35 17.63
C ILE B 826 -22.38 11.90 16.92
N VAL B 827 -22.52 13.10 16.36
CA VAL B 827 -21.43 13.77 15.66
C VAL B 827 -20.34 14.26 16.64
N SER B 828 -20.77 14.96 17.69
CA SER B 828 -19.87 15.50 18.71
C SER B 828 -18.99 14.44 19.38
N ARG B 829 -19.57 13.27 19.67
CA ARG B 829 -18.80 12.20 20.30
C ARG B 829 -17.76 11.73 19.28
N GLY B 830 -18.06 11.96 18.01
CA GLY B 830 -17.17 11.55 16.95
C GLY B 830 -15.98 12.47 16.83
N ILE B 831 -16.25 13.77 16.77
CA ILE B 831 -15.20 14.76 16.65
C ILE B 831 -14.22 14.66 17.83
N ALA B 832 -14.73 14.34 19.00
CA ALA B 832 -13.88 14.19 20.18
C ALA B 832 -12.85 13.10 19.90
N LEU B 833 -13.33 11.87 19.69
CA LEU B 833 -12.47 10.72 19.41
C LEU B 833 -11.52 10.89 18.21
N THR B 834 -12.06 11.30 17.08
CA THR B 834 -11.25 11.50 15.89
C THR B 834 -10.03 12.35 16.26
N GLU B 835 -10.20 13.23 17.23
CA GLU B 835 -9.13 14.09 17.68
C GLU B 835 -8.27 13.42 18.75
N LYS B 836 -8.88 12.56 19.53
CA LYS B 836 -8.14 11.86 20.57
C LYS B 836 -7.23 10.83 19.95
N ALA B 837 -7.54 10.45 18.71
CA ALA B 837 -6.78 9.45 17.97
C ALA B 837 -5.55 10.06 17.33
N LYS B 838 -5.75 11.20 16.70
CA LYS B 838 -4.65 11.90 16.05
C LYS B 838 -3.46 12.08 16.99
N LEU B 839 -3.67 11.93 18.30
CA LEU B 839 -2.60 12.08 19.27
C LEU B 839 -1.69 10.87 19.25
N ASN B 840 -2.07 9.88 18.44
CA ASN B 840 -1.31 8.63 18.31
C ASN B 840 0.00 8.76 17.52
N SER B 841 0.09 9.78 16.67
CA SER B 841 1.30 10.01 15.88
C SER B 841 2.39 10.49 16.86
N TYR B 842 1.93 11.01 18.00
CA TYR B 842 2.81 11.50 19.05
C TYR B 842 3.40 10.27 19.74
N ALA B 843 4.69 10.02 19.50
CA ALA B 843 5.39 8.86 20.07
C ALA B 843 5.11 8.58 21.54
N PRO B 844 5.32 9.55 22.43
CA PRO B 844 5.06 9.29 23.85
C PRO B 844 3.77 8.50 24.09
N ILE B 845 2.67 8.90 23.43
CA ILE B 845 1.40 8.19 23.56
C ILE B 845 1.50 6.81 22.89
N SER B 846 2.01 6.82 21.66
CA SER B 846 2.20 5.61 20.87
C SER B 846 2.86 4.52 21.74
N LEU B 847 3.96 4.89 22.41
CA LEU B 847 4.71 3.96 23.28
C LEU B 847 3.94 3.47 24.52
N GLU B 848 3.12 4.33 25.11
CA GLU B 848 2.33 3.94 26.28
C GLU B 848 1.37 2.85 25.84
N LYS B 849 0.79 3.03 24.65
CA LYS B 849 -0.15 2.07 24.08
C LYS B 849 0.49 0.70 23.91
N ARG B 850 1.53 0.62 23.08
CA ARG B 850 2.22 -0.64 22.85
C ARG B 850 2.52 -1.38 24.16
N ARG B 851 3.28 -0.75 25.05
CA ARG B 851 3.62 -1.36 26.33
C ARG B 851 2.43 -2.06 26.97
N ALA B 852 1.26 -1.43 26.88
CA ALA B 852 0.03 -1.99 27.45
C ALA B 852 -0.40 -3.21 26.62
N GLN B 853 -0.35 -3.06 25.31
CA GLN B 853 -0.74 -4.15 24.44
C GLN B 853 0.12 -5.37 24.71
N ILE B 854 1.41 -5.16 24.92
CA ILE B 854 2.30 -6.29 25.18
C ILE B 854 1.97 -7.02 26.46
N SER B 855 1.82 -6.29 27.56
CA SER B 855 1.50 -6.92 28.84
C SER B 855 0.18 -7.68 28.74
N ALA B 856 -0.81 -7.05 28.10
CA ALA B 856 -2.14 -7.64 27.92
C ALA B 856 -2.00 -8.95 27.16
N LEU B 857 -1.30 -8.89 26.03
CA LEU B 857 -1.06 -10.04 25.18
C LEU B 857 -0.18 -11.06 25.87
N LEU B 858 0.70 -10.60 26.76
CA LEU B 858 1.61 -11.47 27.49
C LEU B 858 0.87 -12.40 28.43
N THR B 859 -0.18 -11.87 29.05
CA THR B 859 -0.99 -12.65 29.99
C THR B 859 -2.11 -13.40 29.27
N MET B 860 -2.36 -13.02 28.02
CA MET B 860 -3.41 -13.65 27.23
C MET B 860 -2.93 -14.97 26.66
N LEU B 861 -1.72 -14.97 26.11
CA LEU B 861 -1.16 -16.19 25.55
C LEU B 861 -0.62 -17.06 26.67
N GLN B 862 -1.07 -16.80 27.90
CA GLN B 862 -0.65 -17.56 29.09
C GLN B 862 -1.83 -18.26 29.77
N LYS B 863 -3.05 -17.75 29.54
CA LYS B 863 -4.28 -18.30 30.11
C LYS B 863 -5.46 -17.43 29.67
N PRO B 864 -5.88 -17.55 28.38
CA PRO B 864 -6.99 -16.77 27.81
C PRO B 864 -8.12 -16.44 28.78
N VAL B 865 -8.19 -15.15 29.10
CA VAL B 865 -9.17 -14.58 30.03
C VAL B 865 -10.62 -14.89 29.64
N THR B 866 -11.55 -14.17 30.27
CA THR B 866 -12.97 -14.31 30.01
C THR B 866 -13.43 -13.08 29.22
N PHE B 867 -14.74 -12.95 29.06
CA PHE B 867 -15.29 -11.81 28.34
C PHE B 867 -16.81 -11.93 28.33
N LYS B 868 -17.49 -10.80 28.56
CA LYS B 868 -18.94 -10.75 28.58
C LYS B 868 -19.53 -10.75 27.15
N SER B 869 -18.65 -10.89 26.16
CA SER B 869 -19.00 -10.90 24.74
C SER B 869 -19.96 -9.76 24.40
N SER B 870 -21.24 -10.11 24.31
CA SER B 870 -22.31 -9.17 23.98
C SER B 870 -22.04 -8.28 22.76
N LYS B 871 -20.96 -8.56 22.03
CA LYS B 871 -20.62 -7.79 20.84
C LYS B 871 -20.64 -8.68 19.61
N ILE B 872 -21.37 -8.26 18.60
CA ILE B 872 -21.49 -9.02 17.36
C ILE B 872 -20.55 -8.57 16.25
N THR B 873 -19.92 -9.56 15.61
CA THR B 873 -18.98 -9.30 14.51
C THR B 873 -19.38 -10.11 13.27
N ILE B 874 -18.91 -9.66 12.12
CA ILE B 874 -19.20 -10.34 10.85
C ILE B 874 -18.98 -11.86 10.97
N ASN B 875 -18.09 -12.26 11.88
CA ASN B 875 -17.81 -13.67 12.12
C ASN B 875 -19.06 -14.44 12.52
N ASP B 876 -19.74 -13.95 13.56
CA ASP B 876 -20.96 -14.56 14.08
C ASP B 876 -22.05 -14.63 13.01
N ILE B 877 -22.24 -13.54 12.28
CA ILE B 877 -23.24 -13.51 11.24
C ILE B 877 -23.03 -14.72 10.35
N LEU B 878 -21.80 -14.91 9.88
CA LEU B 878 -21.48 -16.02 8.98
C LEU B 878 -21.57 -17.38 9.65
N ARG B 879 -21.13 -17.47 10.91
CA ARG B 879 -21.19 -18.74 11.60
C ARG B 879 -22.66 -19.19 11.79
N ASP B 880 -23.58 -18.22 11.71
CA ASP B 880 -25.00 -18.48 11.83
C ASP B 880 -25.48 -19.17 10.59
N ILE B 881 -25.23 -18.52 9.46
CA ILE B 881 -25.62 -18.98 8.15
C ILE B 881 -25.06 -20.33 7.74
N LYS B 882 -23.75 -20.53 7.86
CA LYS B 882 -23.10 -21.75 7.42
C LYS B 882 -23.89 -23.07 7.43
N PRO B 883 -24.45 -23.46 8.58
CA PRO B 883 -25.24 -24.69 8.77
C PRO B 883 -26.45 -24.92 7.83
N PHE B 884 -26.88 -23.88 7.10
CA PHE B 884 -28.04 -23.99 6.22
C PHE B 884 -27.75 -24.05 4.75
N PHE B 885 -26.60 -24.62 4.41
CA PHE B 885 -26.21 -24.74 3.01
C PHE B 885 -25.77 -26.16 2.69
N THR B 886 -26.21 -26.68 1.56
CA THR B 886 -25.80 -28.01 1.18
C THR B 886 -24.86 -27.90 -0.01
N VAL B 887 -23.71 -28.55 0.10
CA VAL B 887 -22.72 -28.53 -0.96
C VAL B 887 -22.88 -29.72 -1.89
N SER B 888 -22.42 -29.56 -3.12
CA SER B 888 -22.46 -30.64 -4.10
C SER B 888 -21.51 -30.30 -5.24
N ASP B 889 -20.73 -31.29 -5.65
CA ASP B 889 -19.76 -31.14 -6.72
C ASP B 889 -20.41 -30.51 -7.95
N ALA B 890 -19.75 -29.51 -8.52
CA ALA B 890 -20.26 -28.84 -9.69
C ALA B 890 -19.14 -28.71 -10.70
N HIS B 891 -19.44 -28.17 -11.87
CA HIS B 891 -18.40 -27.98 -12.85
C HIS B 891 -18.54 -26.68 -13.63
N LEU B 892 -17.43 -25.96 -13.73
CA LEU B 892 -17.38 -24.70 -14.45
C LEU B 892 -16.28 -24.78 -15.50
N PRO B 893 -16.65 -24.68 -16.77
CA PRO B 893 -15.59 -24.74 -17.78
C PRO B 893 -14.80 -23.44 -17.81
N ILE B 894 -13.57 -23.50 -18.34
CA ILE B 894 -12.74 -22.31 -18.45
C ILE B 894 -13.18 -21.64 -19.74
N GLN B 895 -13.53 -20.36 -19.68
CA GLN B 895 -13.98 -19.67 -20.88
C GLN B 895 -13.23 -18.39 -21.24
N TYR B 896 -12.62 -17.74 -20.25
CA TYR B 896 -11.88 -16.49 -20.49
C TYR B 896 -10.37 -16.71 -20.60
N GLN B 897 -9.79 -16.06 -21.60
CA GLN B 897 -8.37 -16.14 -21.84
C GLN B 897 -7.67 -15.27 -20.80
N LYS B 898 -6.47 -15.69 -20.44
CA LYS B 898 -5.65 -15.00 -19.46
C LYS B 898 -5.13 -13.67 -20.00
N PHE B 899 -5.32 -12.59 -19.24
CA PHE B 899 -4.85 -11.27 -19.64
C PHE B 899 -3.78 -10.74 -18.67
N MET B 900 -3.66 -11.42 -17.53
CA MET B 900 -2.69 -11.05 -16.52
C MET B 900 -1.84 -12.31 -16.27
N PRO B 901 -0.87 -12.58 -17.16
CA PRO B 901 0.04 -13.72 -17.13
C PRO B 901 0.73 -14.09 -15.83
N THR B 902 1.11 -13.12 -15.00
CA THR B 902 1.85 -13.44 -13.77
C THR B 902 1.06 -14.04 -12.65
N LEU B 903 -0.25 -13.88 -12.68
CA LEU B 903 -1.07 -14.44 -11.60
C LEU B 903 -0.75 -15.91 -11.33
N PRO B 904 -0.77 -16.32 -10.05
CA PRO B 904 -0.49 -17.72 -9.70
C PRO B 904 -1.53 -18.56 -10.45
N ASP B 905 -1.45 -19.88 -10.36
CA ASP B 905 -2.41 -20.72 -11.08
C ASP B 905 -3.74 -20.83 -10.39
N ASN B 906 -3.75 -21.03 -9.08
CA ASN B 906 -5.02 -21.15 -8.39
C ASN B 906 -5.86 -19.86 -8.45
N VAL B 907 -5.22 -18.70 -8.62
CA VAL B 907 -5.98 -17.46 -8.71
C VAL B 907 -6.45 -17.24 -10.12
N GLN B 908 -5.59 -17.58 -11.08
CA GLN B 908 -5.92 -17.38 -12.49
C GLN B 908 -7.08 -18.26 -12.92
N TYR B 909 -7.10 -19.48 -12.40
CA TYR B 909 -8.18 -20.46 -12.68
C TYR B 909 -9.56 -19.82 -12.43
N ILE B 910 -9.72 -19.23 -11.25
CA ILE B 910 -10.95 -18.58 -10.85
C ILE B 910 -11.37 -17.61 -11.95
N ILE B 911 -10.45 -16.76 -12.37
CA ILE B 911 -10.77 -15.79 -13.42
C ILE B 911 -11.10 -16.42 -14.78
N GLN B 912 -10.49 -17.56 -15.11
CA GLN B 912 -10.79 -18.16 -16.40
C GLN B 912 -12.20 -18.74 -16.38
N CYS B 913 -12.66 -19.13 -15.19
CA CYS B 913 -14.00 -19.67 -15.05
C CYS B 913 -15.09 -18.61 -14.83
N ILE B 914 -14.97 -17.76 -13.81
CA ILE B 914 -16.02 -16.76 -13.59
C ILE B 914 -15.80 -15.36 -14.16
N GLY B 915 -14.59 -15.03 -14.59
CA GLY B 915 -14.40 -13.70 -15.14
C GLY B 915 -13.74 -12.70 -14.22
N SER B 916 -13.68 -11.45 -14.66
CA SER B 916 -13.01 -10.43 -13.87
C SER B 916 -13.81 -9.14 -13.86
N ARG B 917 -13.38 -8.14 -13.07
CA ARG B 917 -14.09 -6.87 -13.07
C ARG B 917 -13.15 -5.69 -13.22
N THR B 918 -13.68 -4.58 -13.70
CA THR B 918 -12.88 -3.38 -13.87
C THR B 918 -13.29 -2.25 -12.91
N TYR B 919 -13.82 -2.60 -11.73
CA TYR B 919 -14.25 -1.57 -10.80
C TYR B 919 -14.10 -1.98 -9.35
N GLN B 920 -14.30 -1.00 -8.48
CA GLN B 920 -14.22 -1.23 -7.05
C GLN B 920 -15.65 -1.21 -6.51
N ILE B 921 -15.94 -2.17 -5.64
CA ILE B 921 -17.25 -2.28 -5.02
C ILE B 921 -17.35 -1.16 -3.98
N GLU B 922 -18.40 -0.35 -4.07
CA GLU B 922 -18.60 0.78 -3.15
C GLU B 922 -18.63 0.27 -1.71
N ASP B 923 -17.65 0.67 -0.92
CA ASP B 923 -17.56 0.20 0.46
C ASP B 923 -17.50 1.32 1.50
N ASP B 924 -17.88 2.52 1.09
CA ASP B 924 -17.87 3.67 1.98
C ASP B 924 -19.28 4.23 2.20
N GLY B 925 -20.19 3.94 1.27
CA GLY B 925 -21.57 4.39 1.35
C GLY B 925 -21.78 5.77 0.75
N SER B 926 -20.74 6.28 0.09
CA SER B 926 -20.81 7.58 -0.54
C SER B 926 -21.89 7.68 -1.61
N LYS B 927 -22.38 6.54 -2.08
CA LYS B 927 -23.41 6.56 -3.10
C LYS B 927 -24.83 6.49 -2.54
N SER B 928 -24.96 6.59 -1.23
CA SER B 928 -26.28 6.59 -0.60
C SER B 928 -26.86 8.01 -0.65
N ALA B 929 -28.17 8.10 -0.86
CA ALA B 929 -28.82 9.40 -0.94
C ALA B 929 -28.58 10.26 0.30
N ILE B 930 -28.68 9.66 1.47
CA ILE B 930 -28.46 10.41 2.69
C ILE B 930 -27.05 11.05 2.69
N SER B 931 -26.05 10.28 2.28
CA SER B 931 -24.68 10.80 2.25
C SER B 931 -24.55 11.95 1.26
N ARG B 932 -25.29 11.89 0.15
CA ARG B 932 -25.24 12.95 -0.85
C ARG B 932 -25.98 14.17 -0.33
N LEU B 933 -27.02 13.93 0.47
CA LEU B 933 -27.83 14.99 1.07
C LEU B 933 -26.94 15.76 2.03
N ILE B 934 -26.32 15.04 2.97
CA ILE B 934 -25.44 15.67 3.96
C ILE B 934 -24.27 16.42 3.30
N SER B 935 -24.01 16.14 2.03
CA SER B 935 -22.91 16.77 1.30
C SER B 935 -23.33 18.06 0.59
N LYS B 936 -24.62 18.18 0.33
CA LYS B 936 -25.16 19.35 -0.36
C LYS B 936 -25.28 20.52 0.61
N TYR B 937 -25.34 20.21 1.90
CA TYR B 937 -25.50 21.24 2.93
C TYR B 937 -24.43 21.23 4.01
N SER B 938 -23.75 20.11 4.21
CA SER B 938 -22.70 20.05 5.24
C SER B 938 -21.30 19.73 4.70
N VAL B 939 -20.31 20.20 5.46
CA VAL B 939 -18.89 20.01 5.14
C VAL B 939 -18.46 18.77 5.93
N TYR B 940 -19.42 18.20 6.65
CA TYR B 940 -19.16 17.01 7.45
C TYR B 940 -19.13 15.78 6.53
N LYS B 941 -18.35 14.79 6.96
CA LYS B 941 -18.20 13.54 6.23
C LYS B 941 -18.31 12.37 7.19
N PRO B 942 -19.49 11.73 7.21
CA PRO B 942 -19.64 10.58 8.11
C PRO B 942 -19.03 9.34 7.46
N SER B 943 -18.41 8.48 8.27
CA SER B 943 -17.82 7.26 7.78
C SER B 943 -18.89 6.22 7.52
N ILE B 944 -18.53 5.14 6.83
CA ILE B 944 -19.45 4.07 6.51
C ILE B 944 -20.05 3.51 7.81
N GLU B 945 -19.26 3.54 8.87
CA GLU B 945 -19.75 3.02 10.15
C GLU B 945 -20.71 3.96 10.85
N GLU B 946 -20.59 5.26 10.60
CA GLU B 946 -21.49 6.20 11.24
C GLU B 946 -22.81 6.19 10.49
N LEU B 947 -22.75 6.24 9.17
CA LEU B 947 -23.96 6.18 8.35
C LEU B 947 -24.71 4.92 8.73
N TYR B 948 -23.95 3.84 8.92
CA TYR B 948 -24.50 2.54 9.28
C TYR B 948 -25.36 2.61 10.53
N LYS B 949 -24.83 3.23 11.59
CA LYS B 949 -25.58 3.35 12.83
C LYS B 949 -26.72 4.35 12.72
N VAL B 950 -26.48 5.43 11.98
CA VAL B 950 -27.48 6.47 11.80
C VAL B 950 -28.71 5.97 11.07
N ILE B 951 -28.51 5.47 9.86
CA ILE B 951 -29.61 4.95 9.04
C ILE B 951 -30.51 3.97 9.78
N SER B 952 -29.97 3.28 10.80
CA SER B 952 -30.75 2.32 11.57
C SER B 952 -31.52 2.92 12.76
N LEU B 953 -31.35 4.23 12.99
CA LEU B 953 -32.05 4.89 14.09
C LEU B 953 -33.51 5.12 13.74
N HIS B 954 -34.32 5.45 14.75
CA HIS B 954 -35.74 5.70 14.55
C HIS B 954 -35.97 6.91 13.66
N GLU B 955 -36.98 6.86 12.80
CA GLU B 955 -37.25 7.96 11.87
C GLU B 955 -37.07 9.36 12.45
N ASN B 956 -37.60 9.60 13.64
CA ASN B 956 -37.50 10.92 14.27
C ASN B 956 -36.04 11.33 14.58
N GLU B 957 -35.20 10.35 14.94
CA GLU B 957 -33.81 10.62 15.26
C GLU B 957 -33.01 11.02 14.02
N ILE B 958 -33.31 10.39 12.89
CA ILE B 958 -32.60 10.70 11.65
C ILE B 958 -32.91 12.13 11.26
N GLN B 959 -34.18 12.51 11.37
CA GLN B 959 -34.60 13.85 10.99
C GLN B 959 -33.85 14.92 11.79
N LEU B 960 -33.49 14.60 13.04
CA LEU B 960 -32.77 15.53 13.89
C LEU B 960 -31.31 15.64 13.45
N TYR B 961 -30.66 14.49 13.31
CA TYR B 961 -29.27 14.39 12.86
C TYR B 961 -29.09 15.28 11.61
N LEU B 962 -29.90 15.05 10.58
CA LEU B 962 -29.84 15.84 9.37
C LEU B 962 -29.95 17.34 9.64
N ILE B 963 -31.04 17.74 10.28
CA ILE B 963 -31.26 19.16 10.58
C ILE B 963 -30.15 19.70 11.49
N SER B 964 -29.64 18.85 12.39
CA SER B 964 -28.58 19.27 13.29
C SER B 964 -27.31 19.61 12.50
N LEU B 965 -27.14 19.03 11.31
CA LEU B 965 -25.96 19.30 10.48
C LEU B 965 -26.19 20.38 9.45
N GLY B 966 -27.35 21.02 9.49
CA GLY B 966 -27.65 22.08 8.56
C GLY B 966 -28.57 21.74 7.40
N ILE B 967 -29.11 20.53 7.42
CA ILE B 967 -30.01 20.12 6.35
C ILE B 967 -31.39 20.73 6.65
N PRO B 968 -31.94 21.47 5.68
CA PRO B 968 -33.25 22.14 5.76
C PRO B 968 -34.44 21.17 5.89
N LYS B 969 -35.40 21.51 6.73
CA LYS B 969 -36.57 20.66 6.95
C LYS B 969 -37.30 20.11 5.73
N ILE B 970 -37.64 20.97 4.77
CA ILE B 970 -38.33 20.45 3.60
C ILE B 970 -37.59 19.20 3.09
N ASP B 971 -36.25 19.25 3.07
CA ASP B 971 -35.42 18.13 2.62
C ASP B 971 -35.26 17.02 3.67
N ALA B 972 -35.05 17.41 4.92
CA ALA B 972 -34.89 16.45 6.02
C ALA B 972 -36.17 15.64 6.24
N ASP B 973 -37.30 16.21 5.86
CA ASP B 973 -38.57 15.53 6.02
C ASP B 973 -38.91 14.74 4.76
N THR B 974 -38.67 15.31 3.59
CA THR B 974 -38.97 14.63 2.34
C THR B 974 -38.16 13.34 2.20
N TYR B 975 -37.15 13.20 3.04
CA TYR B 975 -36.32 12.02 2.97
C TYR B 975 -36.73 10.94 3.98
N VAL B 976 -36.64 11.26 5.28
CA VAL B 976 -36.96 10.32 6.36
C VAL B 976 -38.19 9.44 6.18
N GLY B 977 -38.85 9.56 5.04
CA GLY B 977 -40.02 8.75 4.77
C GLY B 977 -39.94 8.08 3.41
N SER B 978 -39.53 8.86 2.42
CA SER B 978 -39.40 8.42 1.03
C SER B 978 -38.88 6.99 0.78
N LYS B 979 -39.09 6.52 -0.44
CA LYS B 979 -38.65 5.20 -0.83
C LYS B 979 -37.14 5.14 -0.73
N ILE B 980 -36.49 6.24 -1.11
CA ILE B 980 -35.05 6.33 -1.07
C ILE B 980 -34.50 5.93 0.30
N TYR B 981 -35.03 6.52 1.37
CA TYR B 981 -34.58 6.19 2.72
C TYR B 981 -34.54 4.69 2.96
N SER B 982 -35.66 4.03 2.72
CA SER B 982 -35.77 2.60 2.92
C SER B 982 -34.65 1.93 2.14
N ARG B 983 -34.44 2.40 0.91
CA ARG B 983 -33.38 1.88 0.05
C ARG B 983 -32.02 2.11 0.70
N ASP B 984 -31.68 3.36 0.97
CA ASP B 984 -30.39 3.67 1.61
C ASP B 984 -30.10 2.66 2.70
N LYS B 985 -31.11 2.30 3.46
CA LYS B 985 -30.92 1.31 4.53
C LYS B 985 -30.15 0.08 4.02
N TYR B 986 -30.64 -0.49 2.92
CA TYR B 986 -30.01 -1.68 2.32
C TYR B 986 -28.63 -1.35 1.77
N ARG B 987 -28.55 -0.33 0.92
CA ARG B 987 -27.30 0.08 0.31
C ARG B 987 -26.17 0.42 1.31
N ILE B 988 -26.54 0.93 2.48
CA ILE B 988 -25.55 1.26 3.49
C ILE B 988 -25.01 -0.04 4.03
N LEU B 989 -25.89 -0.90 4.53
CA LEU B 989 -25.46 -2.18 5.08
C LEU B 989 -24.66 -2.99 4.06
N GLU B 990 -25.07 -2.92 2.80
CA GLU B 990 -24.39 -3.61 1.73
C GLU B 990 -22.93 -3.10 1.65
N SER B 991 -22.79 -1.80 1.63
CA SER B 991 -21.48 -1.14 1.58
C SER B 991 -20.63 -1.47 2.81
N TYR B 992 -21.27 -1.47 3.97
CA TYR B 992 -20.59 -1.76 5.23
C TYR B 992 -20.07 -3.20 5.33
N VAL B 993 -20.84 -4.13 4.76
CA VAL B 993 -20.51 -5.54 4.77
C VAL B 993 -19.40 -5.87 3.78
N TYR B 994 -19.44 -5.25 2.60
CA TYR B 994 -18.41 -5.46 1.58
C TYR B 994 -17.10 -4.93 2.16
N ASN B 995 -17.23 -3.99 3.07
CA ASN B 995 -16.09 -3.40 3.74
C ASN B 995 -15.48 -4.38 4.75
N LEU B 996 -16.33 -5.03 5.55
CA LEU B 996 -15.87 -5.98 6.56
C LEU B 996 -15.34 -7.29 5.98
N LEU B 997 -15.61 -7.54 4.70
CA LEU B 997 -15.17 -8.77 4.05
C LEU B 997 -13.96 -8.62 3.12
N SER B 998 -13.43 -7.39 3.04
CA SER B 998 -12.26 -7.09 2.21
C SER B 998 -12.49 -7.57 0.77
N ILE B 999 -13.61 -7.13 0.20
CA ILE B 999 -13.98 -7.52 -1.14
C ILE B 999 -13.18 -6.72 -2.16
N ASN B 1000 -12.46 -5.70 -1.67
CA ASN B 1000 -11.67 -4.85 -2.54
C ASN B 1000 -10.17 -5.10 -2.44
N TYR B 1001 -9.75 -5.91 -1.48
CA TYR B 1001 -8.33 -6.19 -1.31
C TYR B 1001 -7.88 -7.57 -1.80
N GLY B 1002 -6.58 -7.82 -1.67
CA GLY B 1002 -6.00 -9.08 -2.09
C GLY B 1002 -6.44 -9.61 -3.44
N CYS B 1003 -6.90 -10.85 -3.40
CA CYS B 1003 -7.35 -11.61 -4.54
C CYS B 1003 -8.74 -11.23 -5.03
N TYR B 1004 -9.67 -11.13 -4.08
CA TYR B 1004 -11.07 -10.81 -4.35
C TYR B 1004 -11.29 -9.57 -5.21
N GLN B 1005 -10.48 -8.54 -5.02
CA GLN B 1005 -10.67 -7.34 -5.83
C GLN B 1005 -10.64 -7.63 -7.33
N LEU B 1006 -10.05 -8.76 -7.71
CA LEU B 1006 -9.95 -9.18 -9.12
C LEU B 1006 -11.21 -9.87 -9.68
N PHE B 1007 -11.81 -10.75 -8.86
CA PHE B 1007 -13.00 -11.55 -9.20
C PHE B 1007 -14.33 -10.79 -9.46
N ASP B 1008 -15.07 -11.24 -10.47
CA ASP B 1008 -16.38 -10.67 -10.80
C ASP B 1008 -17.41 -11.38 -9.92
N PHE B 1009 -17.78 -10.75 -8.80
CA PHE B 1009 -18.76 -11.34 -7.91
C PHE B 1009 -20.19 -11.36 -8.47
N ASN B 1010 -20.38 -10.82 -9.67
CA ASN B 1010 -21.68 -10.84 -10.30
C ASN B 1010 -21.59 -11.61 -11.62
N SER B 1011 -20.70 -12.58 -11.66
CA SER B 1011 -20.52 -13.39 -12.83
C SER B 1011 -21.73 -14.32 -13.00
N PRO B 1012 -22.28 -14.40 -14.20
CA PRO B 1012 -23.43 -15.27 -14.44
C PRO B 1012 -22.99 -16.70 -14.14
N ASP B 1013 -21.77 -17.01 -14.54
CA ASP B 1013 -21.16 -18.33 -14.35
C ASP B 1013 -21.13 -18.72 -12.88
N LEU B 1014 -20.86 -17.75 -12.02
CA LEU B 1014 -20.80 -17.99 -10.58
C LEU B 1014 -22.21 -18.13 -10.02
N GLU B 1015 -23.10 -17.24 -10.46
CA GLU B 1015 -24.49 -17.24 -10.00
C GLU B 1015 -25.13 -18.61 -10.22
N LYS B 1016 -24.68 -19.31 -11.27
CA LYS B 1016 -25.18 -20.63 -11.58
C LYS B 1016 -24.97 -21.54 -10.39
N LEU B 1017 -23.77 -21.54 -9.83
CA LEU B 1017 -23.47 -22.40 -8.68
C LEU B 1017 -24.13 -22.00 -7.35
N ILE B 1018 -25.00 -20.99 -7.36
CA ILE B 1018 -25.63 -20.56 -6.12
C ILE B 1018 -27.14 -20.69 -6.25
N ARG B 1019 -27.73 -21.62 -5.51
CA ARG B 1019 -29.16 -21.83 -5.59
C ARG B 1019 -29.81 -21.34 -4.31
N ILE B 1020 -30.40 -20.14 -4.36
CA ILE B 1020 -31.03 -19.59 -3.17
C ILE B 1020 -32.52 -19.29 -3.29
N PRO B 1021 -33.36 -20.21 -2.78
CA PRO B 1021 -34.81 -20.10 -2.80
C PRO B 1021 -35.28 -19.04 -1.80
N PHE B 1022 -36.12 -18.12 -2.26
CA PHE B 1022 -36.64 -17.06 -1.39
C PHE B 1022 -37.81 -17.59 -0.54
N LYS B 1023 -37.67 -17.48 0.78
CA LYS B 1023 -38.68 -17.94 1.72
C LYS B 1023 -39.25 -16.75 2.50
N GLY B 1024 -39.51 -15.67 1.78
CA GLY B 1024 -40.04 -14.47 2.41
C GLY B 1024 -39.84 -13.25 1.52
N LYS B 1025 -38.65 -12.67 1.61
CA LYS B 1025 -38.24 -11.48 0.85
C LYS B 1025 -37.85 -10.36 1.81
N ILE B 1026 -36.62 -10.42 2.31
CA ILE B 1026 -36.08 -9.42 3.22
C ILE B 1026 -34.60 -9.15 2.87
N PRO B 1027 -34.37 -8.25 1.88
CA PRO B 1027 -33.09 -7.79 1.33
C PRO B 1027 -31.80 -8.09 2.08
N ALA B 1028 -31.70 -7.64 3.32
CA ALA B 1028 -30.48 -7.86 4.12
C ALA B 1028 -30.09 -9.33 4.15
N VAL B 1029 -31.06 -10.18 4.45
CA VAL B 1029 -30.82 -11.60 4.51
C VAL B 1029 -30.51 -12.18 3.12
N THR B 1030 -31.24 -11.75 2.10
CA THR B 1030 -30.98 -12.26 0.76
C THR B 1030 -29.55 -11.92 0.33
N PHE B 1031 -29.11 -10.72 0.70
CA PHE B 1031 -27.76 -10.25 0.37
C PHE B 1031 -26.65 -11.08 0.97
N ILE B 1032 -26.63 -11.17 2.29
CA ILE B 1032 -25.59 -11.90 2.96
C ILE B 1032 -25.54 -13.41 2.60
N LEU B 1033 -26.70 -14.02 2.33
CA LEU B 1033 -26.71 -15.45 2.00
C LEU B 1033 -26.03 -15.67 0.66
N HIS B 1034 -26.31 -14.80 -0.30
CA HIS B 1034 -25.70 -14.88 -1.62
C HIS B 1034 -24.21 -14.63 -1.57
N LEU B 1035 -23.81 -13.63 -0.78
CA LEU B 1035 -22.41 -13.26 -0.64
C LEU B 1035 -21.66 -14.37 0.08
N TYR B 1036 -22.22 -14.85 1.18
CA TYR B 1036 -21.59 -15.92 1.92
C TYR B 1036 -21.40 -17.13 0.99
N ALA B 1037 -22.34 -17.34 0.07
CA ALA B 1037 -22.22 -18.46 -0.84
C ALA B 1037 -21.15 -18.20 -1.89
N LYS B 1038 -21.19 -17.02 -2.50
CA LYS B 1038 -20.19 -16.70 -3.52
C LYS B 1038 -18.79 -16.83 -2.93
N LEU B 1039 -18.58 -16.35 -1.71
CA LEU B 1039 -17.26 -16.45 -1.09
C LEU B 1039 -16.84 -17.91 -0.82
N GLU B 1040 -17.75 -18.71 -0.27
CA GLU B 1040 -17.45 -20.11 0.03
C GLU B 1040 -17.14 -20.89 -1.24
N VAL B 1041 -17.87 -20.60 -2.32
CA VAL B 1041 -17.64 -21.28 -3.58
C VAL B 1041 -16.28 -20.91 -4.14
N ILE B 1042 -15.99 -19.61 -4.20
CA ILE B 1042 -14.70 -19.17 -4.71
C ILE B 1042 -13.54 -19.71 -3.84
N ASN B 1043 -13.71 -19.72 -2.54
CA ASN B 1043 -12.63 -20.20 -1.73
C ASN B 1043 -12.33 -21.64 -2.01
N TYR B 1044 -13.37 -22.46 -2.13
CA TYR B 1044 -13.17 -23.88 -2.40
C TYR B 1044 -12.40 -24.03 -3.71
N ALA B 1045 -12.75 -23.23 -4.72
CA ALA B 1045 -12.08 -23.27 -6.00
C ALA B 1045 -10.61 -22.82 -5.87
N ILE B 1046 -10.37 -21.81 -5.04
CA ILE B 1046 -9.01 -21.34 -4.85
C ILE B 1046 -8.16 -22.42 -4.21
N LYS B 1047 -8.77 -23.22 -3.35
CA LYS B 1047 -8.00 -24.28 -2.70
C LYS B 1047 -8.00 -25.63 -3.41
N ASN B 1048 -9.05 -25.95 -4.17
CA ASN B 1048 -9.13 -27.26 -4.80
C ASN B 1048 -9.06 -27.32 -6.31
N GLY B 1049 -9.28 -26.21 -6.99
CA GLY B 1049 -9.20 -26.23 -8.43
C GLY B 1049 -10.45 -26.74 -9.08
N SER B 1050 -11.44 -27.08 -8.28
CA SER B 1050 -12.71 -27.57 -8.78
C SER B 1050 -13.81 -26.74 -8.15
N TRP B 1051 -15.03 -26.88 -8.66
CA TRP B 1051 -16.13 -26.11 -8.13
C TRP B 1051 -17.17 -26.91 -7.34
N ILE B 1052 -18.08 -26.17 -6.69
CA ILE B 1052 -19.17 -26.75 -5.93
C ILE B 1052 -20.39 -25.87 -6.09
N SER B 1053 -21.56 -26.47 -5.86
CA SER B 1053 -22.81 -25.74 -5.95
C SER B 1053 -23.35 -25.63 -4.54
N LEU B 1054 -23.85 -24.46 -4.20
CA LEU B 1054 -24.38 -24.28 -2.88
C LEU B 1054 -25.90 -24.09 -2.86
N PHE B 1055 -26.59 -24.94 -2.12
CA PHE B 1055 -28.04 -24.88 -1.99
C PHE B 1055 -28.42 -24.29 -0.62
N CYS B 1056 -29.38 -23.38 -0.60
CA CYS B 1056 -29.77 -22.76 0.65
C CYS B 1056 -31.18 -23.10 1.10
N ASN B 1057 -31.28 -23.60 2.32
CA ASN B 1057 -32.55 -23.96 2.96
C ASN B 1057 -32.60 -23.27 4.32
N TYR B 1058 -32.51 -21.95 4.28
CA TYR B 1058 -32.53 -21.10 5.47
C TYR B 1058 -33.99 -20.82 5.82
N PRO B 1059 -34.40 -21.17 7.05
CA PRO B 1059 -35.75 -21.00 7.59
C PRO B 1059 -36.25 -19.56 7.51
N LYS B 1060 -37.55 -19.36 7.62
CA LYS B 1060 -38.12 -18.02 7.57
C LYS B 1060 -38.06 -17.41 8.97
N SER B 1061 -38.27 -18.25 9.97
CA SER B 1061 -38.26 -17.81 11.36
C SER B 1061 -36.87 -17.37 11.75
N GLU B 1062 -35.88 -17.90 11.05
CA GLU B 1062 -34.49 -17.54 11.32
C GLU B 1062 -34.13 -16.22 10.66
N MET B 1063 -34.63 -16.00 9.45
CA MET B 1063 -34.33 -14.78 8.71
C MET B 1063 -34.61 -13.50 9.47
N ILE B 1064 -35.57 -13.54 10.40
CA ILE B 1064 -35.88 -12.35 11.18
C ILE B 1064 -34.86 -12.16 12.31
N LYS B 1065 -34.43 -13.26 12.92
CA LYS B 1065 -33.43 -13.20 13.98
C LYS B 1065 -32.14 -12.64 13.37
N LEU B 1066 -31.77 -13.18 12.22
CA LEU B 1066 -30.57 -12.75 11.51
C LEU B 1066 -30.65 -11.27 11.20
N TRP B 1067 -31.70 -10.86 10.49
CA TRP B 1067 -31.88 -9.45 10.13
C TRP B 1067 -31.55 -8.49 11.27
N LYS B 1068 -31.83 -8.90 12.50
CA LYS B 1068 -31.56 -8.07 13.66
C LYS B 1068 -30.06 -8.04 13.94
N LYS B 1069 -29.45 -9.23 14.01
CA LYS B 1069 -28.02 -9.33 14.26
C LYS B 1069 -27.34 -8.40 13.27
N MET B 1070 -27.67 -8.58 12.00
CA MET B 1070 -27.14 -7.79 10.91
C MET B 1070 -26.92 -6.32 11.20
N TRP B 1071 -27.85 -5.66 11.90
CA TRP B 1071 -27.69 -4.23 12.20
C TRP B 1071 -26.92 -3.86 13.46
N ASN B 1072 -26.23 -4.84 14.06
CA ASN B 1072 -25.46 -4.59 15.26
C ASN B 1072 -24.04 -5.13 15.11
N ILE B 1073 -23.57 -5.18 13.87
CA ILE B 1073 -22.25 -5.69 13.59
C ILE B 1073 -21.17 -4.72 14.04
N THR B 1074 -20.09 -5.25 14.59
CA THR B 1074 -18.97 -4.45 15.06
C THR B 1074 -17.78 -4.64 14.13
N SER B 1075 -17.12 -3.57 13.76
CA SER B 1075 -15.96 -3.67 12.89
C SER B 1075 -14.75 -4.13 13.71
N LEU B 1076 -13.81 -4.78 13.05
CA LEU B 1076 -12.59 -5.28 13.70
C LEU B 1076 -11.36 -4.55 13.18
N ARG B 1077 -10.47 -4.20 14.09
CA ARG B 1077 -9.25 -3.53 13.75
C ARG B 1077 -8.10 -4.51 14.00
N SER B 1078 -7.09 -4.53 13.13
CA SER B 1078 -5.96 -5.46 13.31
C SER B 1078 -4.83 -5.18 12.33
N PRO B 1079 -3.64 -5.76 12.61
CA PRO B 1079 -2.45 -5.60 11.76
C PRO B 1079 -2.77 -6.02 10.34
N TYR B 1080 -3.49 -7.15 10.20
CA TYR B 1080 -3.91 -7.67 8.91
C TYR B 1080 -4.76 -6.63 8.18
N THR B 1081 -5.73 -6.06 8.91
CA THR B 1081 -6.66 -5.05 8.42
C THR B 1081 -5.94 -3.74 8.04
N ASN B 1082 -5.06 -3.30 8.94
CA ASN B 1082 -4.31 -2.09 8.72
C ASN B 1082 -3.27 -2.32 7.62
N ALA B 1083 -2.83 -3.57 7.46
CA ALA B 1083 -1.87 -3.88 6.41
C ALA B 1083 -2.50 -3.59 5.05
N ASN B 1084 -3.76 -4.02 4.88
CA ASN B 1084 -4.50 -3.81 3.62
C ASN B 1084 -4.71 -2.35 3.29
N PHE B 1085 -5.03 -1.54 4.30
CA PHE B 1085 -5.24 -0.11 4.12
C PHE B 1085 -3.90 0.54 3.74
N PHE B 1086 -2.84 0.13 4.43
CA PHE B 1086 -1.50 0.63 4.19
C PHE B 1086 -1.08 0.41 2.72
N GLN B 1087 -1.65 -0.62 2.07
CA GLN B 1087 -1.33 -0.91 0.67
C GLN B 1087 -1.59 0.26 -0.27
N GLU B 1088 -2.83 0.76 -0.28
CA GLU B 1088 -3.14 1.89 -1.15
C GLU B 1088 -4.30 2.70 -0.59
#